data_4FLH
#
_entry.id   4FLH
#
_cell.length_a   145.059
_cell.length_b   67.803
_cell.length_c   107.523
_cell.angle_alpha   90.000
_cell.angle_beta   95.270
_cell.angle_gamma   90.000
#
_symmetry.space_group_name_H-M   'C 1 2 1'
#
loop_
_entity.id
_entity.type
_entity.pdbx_description
1 polymer 'Phosphatidylinositol 4,5-bisphosphate 3-kinase catalytic subunit gamma isoform'
2 non-polymer 'SULFATE ION'
3 non-polymer 4-(2-[(5-fluoro-6-methoxypyridin-3-yl)amino]-5-{(1R)-1-[4-(methylsulfonyl)piperazin-1-yl]ethyl}pyridin-3-yl)-6-methyl-1,3,5-triazin-2-amine
4 water water
#
_entity_poly.entity_id   1
_entity_poly.type   'polypeptide(L)'
_entity_poly.pdbx_seq_one_letter_code
;GSEESQAFQRQLTALIGYDVTDVSNVHDDELEFTRRGLVTPRMAEVASRDPKLYAMHPWVTSKPLPEYLWKKIANNCIFI
VIHRSTTSQTIKVSPDDTPGAILQSFFTKMAKKKSLMDIPESQSEQDFVLRVCGRDEYLVGETPIKNFQWVRHCLKNGEE
IHVVLDTPPDPALDEVRKEEWPLVDDCTGVTGYHEQLTIHGKDHESVFTVSLWDCDRKFRVKIRGIDIPVLPRNTDLTVF
VEANIQHGQQVLCQRRTSPKPFTEEVLWNVWLEFSIKIKDLPKGALLNLQIYCGKAPALSSKASAESPSSESKGKVQLLY
YVNLLLIDHRFLLRRGEYVLHMWQISGKGEDQGSFNADKLTSATNPDKENSMSISILLDNYCHPIALPKHQPTPDPEGDR
VRAEMPNQLRKQLEAIIATDPLNPLTAEDKELLWHFRYESLKHPKAYPKLFSSVKWGQQEIVAKTYQLLARREVWDQSAL
DVGLTMQLLDCNFSDENVRAIAVQKLESLEDDDVLHYLLQLVQAVKFEPYHDSALARFLLKRGLRNKRIGHFLFWFLRSE
IAQSRHYQQRFAVILEAYLRGCGTAMLHDFTQQVQVIEMLQKVTLDIKSLSAEKYDVSSQVISQLKQKLENLQNSQLPES
FRVPYDPGLKAGALAIEKCKVMASKKKPLWLEFKCADPTALSNETIGIIFKHGDDLRQDMLILQILRIMESIWETESLDL
CLLPYGCISTGDKIGMIEIVKDATTIAKIQQSTVGNTGAFKDEVLNHWLKEKSPTEEKFQAAVERFVYSCAGYCVATFVL
GIGDRHNDNIMITETGNLFHIDFGHILGNYKSFLGINKERVPFVLTPDFLFVMGTSGKKTSPHFQKFQDICVKAYLALRH
HTNLLIILFSMMLMTGMPQLTSKEDIEYIRDALTVGKNEEDAKKYFLDQIEVCRDKGWTVQFNWFLHLVLGIKQGEKHSA
;
_entity_poly.pdbx_strand_id   A
#
loop_
_chem_comp.id
_chem_comp.type
_chem_comp.name
_chem_comp.formula
14K non-polymer 4-(2-[(5-fluoro-6-methoxypyridin-3-yl)amino]-5-{(1R)-1-[4-(methylsulfonyl)piperazin-1-yl]ethyl}pyridin-3-yl)-6-methyl-1,3,5-triazin-2-amine 'C22 H28 F N9 O3 S'
SO4 non-polymer 'SULFATE ION' 'O4 S -2'
#
# COMPACT_ATOMS: atom_id res chain seq x y z
N GLU A 3 -22.73 -18.41 24.87
CA GLU A 3 -21.67 -19.41 24.60
C GLU A 3 -21.28 -19.41 23.12
N GLU A 4 -22.27 -19.51 22.24
CA GLU A 4 -22.05 -19.50 20.80
C GLU A 4 -21.56 -18.15 20.29
N SER A 5 -21.98 -17.07 20.94
CA SER A 5 -21.46 -15.73 20.67
C SER A 5 -19.96 -15.67 20.97
N GLN A 6 -19.55 -16.37 22.03
CA GLN A 6 -18.13 -16.48 22.39
C GLN A 6 -17.41 -17.47 21.46
N ALA A 7 -18.14 -18.47 20.96
CA ALA A 7 -17.64 -19.35 19.89
C ALA A 7 -17.35 -18.58 18.59
N PHE A 8 -18.15 -17.55 18.34
CA PHE A 8 -18.00 -16.68 17.17
C PHE A 8 -16.82 -15.74 17.33
N GLN A 9 -16.60 -15.27 18.56
CA GLN A 9 -15.48 -14.38 18.90
C GLN A 9 -14.14 -15.10 18.80
N ARG A 10 -14.10 -16.36 19.22
CA ARG A 10 -12.91 -17.20 19.08
C ARG A 10 -12.52 -17.30 17.62
N GLN A 11 -13.53 -17.42 16.76
CA GLN A 11 -13.34 -17.51 15.31
C GLN A 11 -12.77 -16.20 14.78
N LEU A 12 -13.44 -15.09 15.13
CA LEU A 12 -12.97 -13.76 14.76
C LEU A 12 -11.49 -13.56 15.15
N THR A 13 -11.16 -13.91 16.37
CA THR A 13 -9.81 -13.73 16.88
C THR A 13 -8.79 -14.52 16.06
N ALA A 14 -9.16 -15.74 15.68
CA ALA A 14 -8.30 -16.60 14.87
C ALA A 14 -8.02 -15.93 13.54
N LEU A 15 -9.05 -15.32 12.96
CA LEU A 15 -8.91 -14.65 11.68
C LEU A 15 -8.07 -13.38 11.78
N ILE A 16 -8.36 -12.53 12.77
CA ILE A 16 -7.64 -11.28 12.98
C ILE A 16 -6.17 -11.52 13.34
N GLY A 17 -5.94 -12.48 14.22
CA GLY A 17 -4.60 -12.74 14.73
C GLY A 17 -4.27 -11.85 15.91
N TYR A 18 -5.32 -11.39 16.60
CA TYR A 18 -5.18 -10.59 17.82
C TYR A 18 -6.51 -10.54 18.56
N ASP A 19 -6.45 -10.66 19.89
CA ASP A 19 -7.63 -10.71 20.74
C ASP A 19 -8.11 -9.30 21.06
N VAL A 20 -9.22 -8.91 20.45
CA VAL A 20 -9.78 -7.54 20.53
C VAL A 20 -10.49 -7.24 21.86
N THR A 21 -11.06 -8.27 22.47
CA THR A 21 -11.79 -8.14 23.73
C THR A 21 -10.86 -7.85 24.91
N ASP A 22 -9.57 -8.10 24.71
CA ASP A 22 -8.54 -7.93 25.71
C ASP A 22 -8.44 -6.48 26.17
N VAL A 23 -8.11 -6.29 27.44
CA VAL A 23 -7.88 -4.95 28.01
C VAL A 23 -6.63 -4.91 28.91
N SER A 24 -5.69 -5.82 28.66
CA SER A 24 -4.42 -5.90 29.38
C SER A 24 -3.43 -4.79 29.03
N ASN A 25 -3.61 -4.15 27.88
CA ASN A 25 -2.71 -3.10 27.43
C ASN A 25 -3.42 -1.81 27.04
N VAL A 26 -4.40 -1.40 27.82
CA VAL A 26 -5.01 -0.09 27.69
C VAL A 26 -4.84 0.67 28.99
N HIS A 27 -5.09 1.97 28.95
CA HIS A 27 -5.19 2.82 30.15
C HIS A 27 -6.42 3.68 30.06
N ASP A 28 -7.32 3.33 29.16
CA ASP A 28 -8.53 4.08 28.89
C ASP A 28 -9.42 3.15 28.11
N ASP A 29 -10.60 3.61 27.73
CA ASP A 29 -11.56 2.75 27.02
C ASP A 29 -11.70 3.09 25.55
N GLU A 30 -10.69 3.71 24.94
CA GLU A 30 -10.87 4.20 23.57
C GLU A 30 -11.16 3.07 22.59
N LEU A 31 -10.38 1.99 22.71
CA LEU A 31 -10.54 0.84 21.82
C LEU A 31 -11.93 0.25 21.96
N GLU A 32 -12.37 0.04 23.20
CA GLU A 32 -13.68 -0.55 23.44
C GLU A 32 -14.78 0.43 22.99
N PHE A 33 -14.54 1.72 23.20
CA PHE A 33 -15.46 2.76 22.73
C PHE A 33 -15.54 2.78 21.20
N THR A 34 -14.43 2.52 20.52
CA THR A 34 -14.41 2.51 19.05
C THR A 34 -15.14 1.29 18.49
N ARG A 35 -15.06 0.17 19.18
CA ARG A 35 -15.82 -1.01 18.78
C ARG A 35 -17.34 -0.75 18.79
N ARG A 36 -17.85 -0.14 19.86
CA ARG A 36 -19.27 0.21 19.89
C ARG A 36 -19.60 1.30 18.87
N GLY A 37 -18.64 2.17 18.62
CA GLY A 37 -18.82 3.24 17.64
C GLY A 37 -18.97 2.77 16.20
N LEU A 38 -18.35 1.63 15.85
CA LEU A 38 -18.35 1.17 14.46
C LEU A 38 -19.54 0.25 14.17
N VAL A 39 -20.31 -0.09 15.20
CA VAL A 39 -21.47 -0.96 15.02
C VAL A 39 -22.46 -0.32 14.05
N THR A 40 -22.68 0.97 14.22
CA THR A 40 -23.65 1.71 13.43
C THR A 40 -23.30 1.81 11.95
N PRO A 41 -22.09 2.30 11.62
CA PRO A 41 -21.73 2.42 10.20
C PRO A 41 -21.69 1.06 9.50
N ARG A 42 -21.24 0.03 10.22
CA ARG A 42 -21.29 -1.34 9.73
C ARG A 42 -22.72 -1.74 9.37
N MET A 43 -23.62 -1.60 10.35
CA MET A 43 -24.99 -2.03 10.17
C MET A 43 -25.61 -1.24 9.03
N ALA A 44 -25.31 0.05 8.99
CA ALA A 44 -25.86 0.92 7.96
C ALA A 44 -25.47 0.40 6.59
N GLU A 45 -24.19 0.13 6.39
CA GLU A 45 -23.71 -0.32 5.10
C GLU A 45 -24.20 -1.73 4.77
N VAL A 46 -24.17 -2.63 5.75
CA VAL A 46 -24.71 -3.99 5.59
C VAL A 46 -26.17 -3.95 5.19
N ALA A 47 -26.95 -3.10 5.86
CA ALA A 47 -28.38 -3.00 5.57
C ALA A 47 -28.65 -2.37 4.19
N SER A 48 -27.78 -1.47 3.74
CA SER A 48 -28.05 -0.70 2.53
C SER A 48 -27.49 -1.32 1.24
N ARG A 49 -26.67 -2.36 1.36
CA ARG A 49 -26.05 -2.94 0.17
C ARG A 49 -26.99 -3.92 -0.53
N ASP A 50 -27.07 -3.82 -1.86
CA ASP A 50 -27.86 -4.77 -2.65
C ASP A 50 -27.29 -6.17 -2.47
N PRO A 51 -28.09 -7.11 -1.91
CA PRO A 51 -27.55 -8.46 -1.71
C PRO A 51 -27.07 -9.15 -3.00
N LYS A 52 -27.73 -8.86 -4.12
CA LYS A 52 -27.44 -9.49 -5.42
C LYS A 52 -26.10 -9.03 -6.00
N LEU A 53 -25.93 -7.72 -6.17
CA LEU A 53 -24.69 -7.17 -6.70
C LEU A 53 -23.52 -7.40 -5.75
N TYR A 54 -23.80 -7.46 -4.46
CA TYR A 54 -22.77 -7.80 -3.48
C TYR A 54 -22.29 -9.24 -3.67
N ALA A 55 -23.20 -10.13 -3.99
CA ALA A 55 -22.90 -11.57 -4.12
C ALA A 55 -22.03 -11.90 -5.35
N MET A 56 -22.25 -11.15 -6.44
CA MET A 56 -21.51 -11.36 -7.68
C MET A 56 -20.40 -10.34 -7.89
N HIS A 57 -20.34 -9.32 -7.04
CA HIS A 57 -19.25 -8.33 -7.05
C HIS A 57 -18.76 -7.95 -8.42
N PRO A 58 -19.67 -7.53 -9.33
CA PRO A 58 -19.18 -7.10 -10.63
C PRO A 58 -18.04 -6.10 -10.49
N TRP A 59 -16.93 -6.37 -11.16
CA TRP A 59 -15.75 -5.51 -11.12
C TRP A 59 -15.67 -4.70 -12.39
N VAL A 60 -15.90 -3.40 -12.26
CA VAL A 60 -16.16 -2.53 -13.40
C VAL A 60 -15.49 -1.17 -13.26
N THR A 61 -15.48 -0.40 -14.35
CA THR A 61 -14.84 0.90 -14.39
C THR A 61 -15.67 1.86 -15.25
N SER A 62 -15.62 3.14 -14.91
CA SER A 62 -16.30 4.16 -15.70
C SER A 62 -15.29 5.02 -16.44
N LYS A 63 -14.03 4.61 -16.41
CA LYS A 63 -13.00 5.28 -17.16
C LYS A 63 -13.19 4.97 -18.65
N PRO A 64 -12.77 5.91 -19.52
CA PRO A 64 -12.89 5.64 -20.93
C PRO A 64 -12.02 4.45 -21.31
N LEU A 65 -12.44 3.70 -22.32
CA LEU A 65 -11.63 2.63 -22.84
C LEU A 65 -10.41 3.29 -23.50
N PRO A 66 -9.20 2.93 -23.06
CA PRO A 66 -8.03 3.63 -23.59
C PRO A 66 -7.84 3.41 -25.10
N GLU A 67 -7.12 4.32 -25.75
CA GLU A 67 -6.89 4.25 -27.19
C GLU A 67 -6.16 2.97 -27.62
N TYR A 68 -5.31 2.45 -26.73
CA TYR A 68 -4.58 1.21 -27.04
C TYR A 68 -5.47 -0.04 -27.03
N LEU A 69 -6.55 -0.03 -26.26
CA LEU A 69 -7.53 -1.10 -26.32
C LEU A 69 -8.64 -0.88 -27.37
N TRP A 70 -8.71 0.32 -27.94
CA TRP A 70 -9.67 0.59 -29.02
C TRP A 70 -9.22 -0.04 -30.30
N LYS A 71 -7.95 0.19 -30.64
CA LYS A 71 -7.39 -0.27 -31.91
C LYS A 71 -7.11 -1.77 -31.92
N LYS A 72 -7.67 -2.48 -30.94
CA LYS A 72 -7.71 -3.95 -30.94
C LYS A 72 -9.14 -4.50 -31.10
N ILE A 73 -10.11 -3.61 -31.36
CA ILE A 73 -11.47 -4.06 -31.67
C ILE A 73 -11.75 -3.91 -33.17
N ALA A 74 -11.98 -5.04 -33.84
CA ALA A 74 -12.32 -5.06 -35.25
C ALA A 74 -13.73 -4.51 -35.47
N ASN A 75 -13.82 -3.21 -35.68
CA ASN A 75 -15.07 -2.53 -36.06
C ASN A 75 -16.23 -2.79 -35.09
N ASN A 76 -16.14 -2.16 -33.92
CA ASN A 76 -17.19 -2.22 -32.88
C ASN A 76 -17.74 -3.62 -32.60
N CYS A 77 -16.88 -4.63 -32.65
CA CYS A 77 -17.28 -6.01 -32.41
C CYS A 77 -16.27 -6.75 -31.53
N ILE A 78 -16.80 -7.47 -30.53
CA ILE A 78 -15.99 -8.39 -29.75
C ILE A 78 -16.70 -9.74 -29.63
N PHE A 79 -15.92 -10.81 -29.54
CA PHE A 79 -16.46 -12.15 -29.50
C PHE A 79 -16.48 -12.65 -28.06
N ILE A 80 -17.59 -13.26 -27.69
CA ILE A 80 -17.83 -13.72 -26.33
C ILE A 80 -18.33 -15.16 -26.36
N VAL A 81 -17.41 -16.10 -26.13
CA VAL A 81 -17.75 -17.51 -26.27
C VAL A 81 -18.53 -17.99 -25.06
N ILE A 82 -19.75 -18.47 -25.28
CA ILE A 82 -20.63 -18.91 -24.19
C ILE A 82 -20.66 -20.42 -24.10
N HIS A 83 -20.47 -20.95 -22.89
CA HIS A 83 -20.44 -22.40 -22.67
C HIS A 83 -21.62 -22.84 -21.86
N ARG A 84 -21.85 -24.16 -21.85
CA ARG A 84 -22.90 -24.77 -21.04
C ARG A 84 -22.40 -26.08 -20.41
N SER A 85 -22.78 -27.22 -20.99
CA SER A 85 -22.38 -28.53 -20.49
C SER A 85 -20.91 -28.77 -20.84
N THR A 86 -20.60 -28.73 -22.13
CA THR A 86 -19.23 -28.79 -22.62
C THR A 86 -19.02 -27.91 -23.87
N THR A 87 -19.80 -28.17 -24.92
CA THR A 87 -19.63 -27.48 -26.21
C THR A 87 -20.04 -26.00 -26.13
N SER A 88 -19.30 -25.16 -26.87
CA SER A 88 -19.32 -23.72 -26.70
C SER A 88 -19.82 -22.97 -27.93
N GLN A 89 -20.97 -22.30 -27.79
CA GLN A 89 -21.49 -21.41 -28.82
C GLN A 89 -20.91 -20.00 -28.64
N THR A 90 -20.62 -19.34 -29.76
CA THR A 90 -19.98 -18.03 -29.77
C THR A 90 -21.00 -16.95 -30.14
N ILE A 91 -20.82 -15.73 -29.63
CA ILE A 91 -21.71 -14.62 -29.97
C ILE A 91 -20.94 -13.33 -30.24
N LYS A 92 -21.31 -12.65 -31.32
CA LYS A 92 -20.78 -11.32 -31.66
C LYS A 92 -21.54 -10.27 -30.84
N VAL A 93 -20.82 -9.24 -30.38
CA VAL A 93 -21.39 -8.19 -29.52
C VAL A 93 -20.67 -6.86 -29.77
N SER A 94 -21.37 -5.75 -29.51
CA SER A 94 -20.73 -4.43 -29.58
C SER A 94 -20.30 -3.97 -28.18
N PRO A 95 -19.26 -3.13 -28.09
CA PRO A 95 -18.72 -2.70 -26.78
C PRO A 95 -19.76 -2.17 -25.80
N ASP A 96 -20.87 -1.64 -26.32
CA ASP A 96 -21.85 -0.97 -25.48
C ASP A 96 -22.99 -1.86 -25.01
N ASP A 97 -22.95 -3.15 -25.33
CA ASP A 97 -24.01 -4.07 -24.92
C ASP A 97 -23.95 -4.46 -23.43
N THR A 98 -24.97 -4.07 -22.67
CA THR A 98 -25.15 -4.49 -21.28
C THR A 98 -25.26 -6.03 -21.18
N PRO A 99 -24.77 -6.63 -20.09
CA PRO A 99 -24.87 -8.08 -19.87
C PRO A 99 -26.22 -8.69 -20.24
N GLY A 100 -27.31 -8.06 -19.81
CA GLY A 100 -28.67 -8.53 -20.11
C GLY A 100 -28.97 -8.48 -21.59
N ALA A 101 -28.51 -7.41 -22.25
CA ALA A 101 -28.64 -7.26 -23.70
C ALA A 101 -27.88 -8.35 -24.47
N ILE A 102 -26.73 -8.74 -23.96
CA ILE A 102 -25.94 -9.81 -24.60
C ILE A 102 -26.58 -11.16 -24.32
N LEU A 103 -27.10 -11.32 -23.10
CA LEU A 103 -27.82 -12.54 -22.71
C LEU A 103 -29.23 -12.62 -23.34
N GLN A 104 -29.76 -11.48 -23.79
CA GLN A 104 -31.02 -11.46 -24.55
C GLN A 104 -30.75 -11.95 -25.97
N SER A 105 -29.72 -11.38 -26.60
CA SER A 105 -29.23 -11.82 -27.91
C SER A 105 -29.08 -13.35 -28.00
N PHE A 106 -28.59 -13.96 -26.91
CA PHE A 106 -28.38 -15.41 -26.86
C PHE A 106 -29.69 -16.21 -26.79
N PHE A 107 -30.62 -15.78 -25.94
CA PHE A 107 -31.90 -16.49 -25.76
C PHE A 107 -32.73 -16.61 -27.04
N THR A 108 -32.44 -15.76 -28.03
CA THR A 108 -32.99 -15.90 -29.37
C THR A 108 -31.93 -16.53 -30.28
N ASP A 127 -34.03 -16.94 -15.95
CA ASP A 127 -32.92 -16.01 -15.70
C ASP A 127 -31.65 -16.73 -15.21
N PHE A 128 -30.55 -16.45 -15.89
CA PHE A 128 -29.24 -16.99 -15.54
C PHE A 128 -28.19 -15.87 -15.54
N VAL A 129 -26.94 -16.22 -15.28
CA VAL A 129 -25.87 -15.23 -15.17
C VAL A 129 -24.63 -15.66 -15.95
N LEU A 130 -23.86 -14.68 -16.42
CA LEU A 130 -22.59 -14.93 -17.09
C LEU A 130 -21.44 -14.91 -16.09
N ARG A 131 -20.78 -16.05 -15.92
CA ARG A 131 -19.62 -16.15 -15.06
C ARG A 131 -18.39 -16.45 -15.90
N VAL A 132 -17.25 -15.85 -15.56
CA VAL A 132 -16.02 -16.08 -16.32
C VAL A 132 -15.48 -17.48 -16.07
N CYS A 133 -15.13 -18.18 -17.14
CA CYS A 133 -14.68 -19.56 -17.02
C CYS A 133 -13.42 -19.65 -16.16
N GLY A 134 -13.49 -20.46 -15.10
CA GLY A 134 -12.37 -20.73 -14.19
C GLY A 134 -12.26 -19.79 -12.98
N ARG A 135 -13.12 -18.77 -12.91
CA ARG A 135 -13.02 -17.72 -11.91
C ARG A 135 -14.35 -17.38 -11.27
N ASP A 136 -14.30 -16.95 -10.01
CA ASP A 136 -15.46 -16.32 -9.39
C ASP A 136 -15.45 -14.85 -9.78
N GLU A 137 -15.83 -14.59 -11.02
CA GLU A 137 -15.98 -13.26 -11.58
C GLU A 137 -17.24 -13.28 -12.44
N TYR A 138 -18.00 -12.20 -12.45
CA TYR A 138 -19.32 -12.17 -13.07
C TYR A 138 -19.51 -10.93 -13.93
N LEU A 139 -20.01 -11.14 -15.15
CA LEU A 139 -20.37 -10.05 -16.05
C LEU A 139 -21.86 -9.69 -15.89
N VAL A 140 -22.19 -9.01 -14.80
CA VAL A 140 -23.58 -8.66 -14.46
C VAL A 140 -23.69 -7.16 -14.17
N GLY A 141 -24.89 -6.62 -14.39
CA GLY A 141 -25.24 -5.25 -13.95
C GLY A 141 -25.32 -4.21 -15.05
N GLU A 142 -25.76 -3.01 -14.69
CA GLU A 142 -26.05 -1.97 -15.68
C GLU A 142 -24.82 -1.18 -16.08
N THR A 143 -23.92 -1.85 -16.78
CA THR A 143 -22.74 -1.21 -17.37
C THR A 143 -22.43 -1.93 -18.67
N PRO A 144 -21.86 -1.23 -19.67
CA PRO A 144 -21.47 -1.89 -20.91
C PRO A 144 -20.34 -2.87 -20.70
N ILE A 145 -20.18 -3.82 -21.61
CA ILE A 145 -19.15 -4.86 -21.45
C ILE A 145 -17.73 -4.36 -21.74
N LYS A 146 -17.59 -3.23 -22.41
CA LYS A 146 -16.29 -2.58 -22.52
C LYS A 146 -15.84 -2.01 -21.17
N ASN A 147 -16.77 -1.91 -20.23
CA ASN A 147 -16.52 -1.33 -18.91
C ASN A 147 -16.19 -2.34 -17.79
N PHE A 148 -16.07 -3.63 -18.13
CA PHE A 148 -15.62 -4.65 -17.15
C PHE A 148 -14.10 -4.88 -17.27
N GLN A 149 -13.40 -4.92 -16.15
CA GLN A 149 -11.94 -5.09 -16.19
C GLN A 149 -11.52 -6.42 -16.83
N TRP A 150 -12.30 -7.48 -16.61
CA TRP A 150 -11.96 -8.78 -17.20
C TRP A 150 -11.99 -8.75 -18.71
N VAL A 151 -12.81 -7.88 -19.27
CA VAL A 151 -12.90 -7.72 -20.72
C VAL A 151 -11.69 -6.94 -21.24
N ARG A 152 -11.34 -5.87 -20.54
CA ARG A 152 -10.20 -5.04 -20.93
C ARG A 152 -8.91 -5.83 -20.77
N HIS A 153 -8.90 -6.72 -19.78
CA HIS A 153 -7.77 -7.61 -19.55
C HIS A 153 -7.62 -8.57 -20.70
N CYS A 154 -8.75 -9.14 -21.15
CA CYS A 154 -8.74 -10.06 -22.28
C CYS A 154 -8.31 -9.36 -23.57
N LEU A 155 -8.77 -8.13 -23.77
CA LEU A 155 -8.35 -7.30 -24.88
C LEU A 155 -6.86 -6.99 -24.86
N LYS A 156 -6.36 -6.56 -23.71
CA LYS A 156 -4.96 -6.15 -23.58
C LYS A 156 -4.03 -7.28 -23.95
N ASN A 157 -4.29 -8.48 -23.41
CA ASN A 157 -3.46 -9.65 -23.67
C ASN A 157 -3.84 -10.43 -24.94
N GLY A 158 -4.63 -9.80 -25.81
CA GLY A 158 -5.06 -10.40 -27.08
C GLY A 158 -5.71 -11.75 -26.86
N GLU A 159 -6.66 -11.82 -25.94
CA GLU A 159 -7.29 -13.07 -25.56
C GLU A 159 -8.79 -13.07 -25.78
N GLU A 160 -9.35 -14.27 -25.81
CA GLU A 160 -10.79 -14.47 -26.07
C GLU A 160 -11.59 -14.53 -24.76
N ILE A 161 -12.85 -14.09 -24.80
CA ILE A 161 -13.65 -13.90 -23.60
C ILE A 161 -14.61 -15.07 -23.36
N HIS A 162 -14.17 -16.03 -22.56
CA HIS A 162 -14.94 -17.25 -22.31
C HIS A 162 -15.74 -17.17 -21.04
N VAL A 163 -17.05 -17.40 -21.15
CA VAL A 163 -17.96 -17.28 -20.01
C VAL A 163 -18.93 -18.47 -20.01
N VAL A 164 -19.32 -18.93 -18.81
CA VAL A 164 -20.32 -20.00 -18.67
C VAL A 164 -21.68 -19.40 -18.36
N LEU A 165 -22.75 -20.15 -18.62
CA LEU A 165 -24.09 -19.76 -18.18
C LEU A 165 -24.34 -20.41 -16.83
N ASP A 166 -24.78 -19.62 -15.85
CA ASP A 166 -24.83 -20.07 -14.46
C ASP A 166 -26.00 -19.45 -13.67
N THR A 167 -26.34 -20.08 -12.56
CA THR A 167 -27.32 -19.53 -11.63
C THR A 167 -26.63 -18.46 -10.81
N PRO A 168 -27.31 -17.34 -10.51
CA PRO A 168 -26.69 -16.40 -9.60
C PRO A 168 -26.46 -17.06 -8.24
N PRO A 169 -25.31 -16.75 -7.60
CA PRO A 169 -25.09 -17.31 -6.27
C PRO A 169 -26.07 -16.72 -5.24
N ASP A 170 -26.53 -17.56 -4.34
CA ASP A 170 -27.58 -17.22 -3.38
C ASP A 170 -27.08 -16.18 -2.36
N PRO A 171 -27.79 -15.04 -2.22
CA PRO A 171 -27.47 -14.05 -1.18
C PRO A 171 -27.64 -14.51 0.27
N ALA A 172 -28.35 -15.62 0.49
CA ALA A 172 -28.42 -16.24 1.82
C ALA A 172 -27.03 -16.65 2.34
N LEU A 173 -26.09 -16.86 1.42
CA LEU A 173 -24.73 -17.28 1.78
C LEU A 173 -23.90 -16.10 2.33
N ASP A 174 -24.36 -14.88 2.06
CA ASP A 174 -23.70 -13.65 2.52
C ASP A 174 -24.38 -13.06 3.74
N GLU A 175 -25.41 -13.74 4.23
CA GLU A 175 -26.20 -13.21 5.31
C GLU A 175 -25.31 -12.99 6.53
N VAL A 176 -25.51 -11.85 7.18
CA VAL A 176 -24.77 -11.50 8.39
C VAL A 176 -25.64 -11.85 9.59
N ARG A 177 -25.02 -12.40 10.64
CA ARG A 177 -25.74 -12.72 11.86
C ARG A 177 -26.11 -11.42 12.61
N LYS A 178 -27.41 -11.23 12.85
CA LYS A 178 -27.91 -10.01 13.52
C LYS A 178 -27.56 -10.00 15.01
N GLU A 179 -27.57 -8.80 15.60
CA GLU A 179 -27.19 -8.60 16.99
C GLU A 179 -28.39 -8.22 17.85
N VAL A 210 -17.37 21.74 33.16
CA VAL A 210 -16.27 22.69 33.06
C VAL A 210 -15.73 22.79 31.62
N SER A 211 -15.86 23.97 31.01
CA SER A 211 -15.35 24.19 29.66
C SER A 211 -13.84 24.37 29.67
N LEU A 212 -13.15 23.68 28.75
CA LEU A 212 -11.70 23.80 28.61
C LEU A 212 -11.30 25.26 28.33
N TRP A 213 -12.18 25.99 27.66
CA TRP A 213 -11.94 27.41 27.33
C TRP A 213 -12.25 28.38 28.45
N ASP A 214 -12.54 27.86 29.64
CA ASP A 214 -12.64 28.68 30.85
C ASP A 214 -11.52 28.29 31.81
N CYS A 215 -10.34 27.99 31.26
CA CYS A 215 -9.19 27.56 32.06
C CYS A 215 -7.90 28.20 31.55
N ASP A 216 -7.47 29.26 32.21
CA ASP A 216 -6.24 29.97 31.82
C ASP A 216 -5.01 29.43 32.53
N ARG A 217 -5.19 28.37 33.30
CA ARG A 217 -4.06 27.71 33.94
C ARG A 217 -3.15 27.11 32.86
N LYS A 218 -1.85 27.38 32.98
CA LYS A 218 -0.87 26.68 32.18
C LYS A 218 -1.01 25.17 32.39
N PHE A 219 -0.82 24.40 31.32
CA PHE A 219 -0.82 22.95 31.44
C PHE A 219 0.47 22.48 32.12
N ARG A 220 0.35 21.50 33.01
CA ARG A 220 1.54 20.91 33.62
C ARG A 220 1.37 19.42 33.84
N VAL A 221 2.51 18.72 33.81
CA VAL A 221 2.53 17.28 34.07
C VAL A 221 3.62 16.93 35.07
N LYS A 222 3.31 16.01 35.99
CA LYS A 222 4.27 15.56 36.97
C LYS A 222 4.94 14.26 36.51
N ILE A 223 6.25 14.33 36.32
CA ILE A 223 7.04 13.13 36.08
C ILE A 223 7.43 12.54 37.43
N ARG A 224 6.81 11.44 37.82
CA ARG A 224 7.16 10.76 39.07
C ARG A 224 8.48 10.07 38.95
N GLY A 225 8.73 9.49 37.79
CA GLY A 225 9.94 8.72 37.54
C GLY A 225 9.75 7.65 36.49
N ILE A 226 10.86 7.03 36.11
CA ILE A 226 10.86 5.92 35.16
C ILE A 226 11.42 4.66 35.81
N ASP A 227 11.12 3.51 35.21
CA ASP A 227 11.67 2.26 35.70
C ASP A 227 11.88 1.22 34.59
N ILE A 228 13.11 0.71 34.50
CA ILE A 228 13.43 -0.42 33.65
C ILE A 228 13.73 -1.64 34.53
N PRO A 229 13.18 -2.83 34.17
CA PRO A 229 13.47 -4.05 34.94
C PRO A 229 14.93 -4.52 34.89
N VAL A 230 15.59 -4.33 33.74
CA VAL A 230 16.97 -4.79 33.53
C VAL A 230 17.81 -3.68 32.89
N LEU A 231 19.13 -3.81 33.00
CA LEU A 231 20.06 -2.90 32.33
C LEU A 231 21.43 -3.57 32.16
N ASP A 236 27.73 3.01 32.53
CA ASP A 236 27.09 3.86 33.53
C ASP A 236 27.03 5.31 33.04
N LEU A 237 25.83 5.75 32.65
CA LEU A 237 25.63 7.12 32.12
C LEU A 237 24.46 7.83 32.82
N THR A 238 24.17 9.06 32.39
CA THR A 238 23.05 9.85 32.92
C THR A 238 21.85 9.85 31.95
N VAL A 239 20.68 10.28 32.45
CA VAL A 239 19.42 10.18 31.71
C VAL A 239 18.41 11.27 32.10
N PHE A 240 17.70 11.83 31.11
CA PHE A 240 16.61 12.79 31.39
C PHE A 240 15.36 12.53 30.55
N VAL A 241 14.24 13.05 31.04
CA VAL A 241 12.94 12.92 30.40
C VAL A 241 12.60 14.22 29.66
N GLU A 242 12.17 14.10 28.40
CA GLU A 242 11.71 15.25 27.62
C GLU A 242 10.22 15.10 27.30
N ALA A 243 9.42 16.10 27.66
CA ALA A 243 7.98 16.06 27.47
C ALA A 243 7.56 17.12 26.46
N ASN A 244 6.96 16.69 25.35
CA ASN A 244 6.52 17.59 24.28
C ASN A 244 5.02 17.63 24.12
N ILE A 245 4.45 18.82 23.99
CA ILE A 245 3.07 18.96 23.55
C ILE A 245 3.10 19.06 22.03
N GLN A 246 2.57 18.04 21.33
CA GLN A 246 2.59 18.01 19.86
C GLN A 246 1.23 18.05 19.21
N HIS A 247 1.19 18.62 18.03
CA HIS A 247 0.03 18.53 17.15
C HIS A 247 0.58 18.19 15.80
N GLY A 248 0.45 16.93 15.40
CA GLY A 248 1.12 16.43 14.21
C GLY A 248 2.62 16.28 14.44
N GLN A 249 3.39 16.83 13.51
CA GLN A 249 4.84 16.87 13.64
C GLN A 249 5.31 18.13 14.38
N GLN A 250 4.38 19.03 14.71
CA GLN A 250 4.72 20.28 15.39
C GLN A 250 4.88 20.09 16.90
N VAL A 251 6.04 20.44 17.42
CA VAL A 251 6.20 20.63 18.85
C VAL A 251 5.66 22.00 19.22
N LEU A 252 4.56 22.06 19.95
CA LEU A 252 4.00 23.33 20.44
C LEU A 252 4.81 23.90 21.61
N CYS A 253 4.92 23.12 22.68
CA CYS A 253 5.71 23.53 23.84
C CYS A 253 6.54 22.34 24.28
N GLN A 254 7.78 22.59 24.67
CA GLN A 254 8.68 21.54 25.16
C GLN A 254 9.21 21.89 26.58
N ARG A 255 9.42 20.87 27.40
CA ARG A 255 10.05 20.99 28.72
C ARG A 255 10.81 19.71 29.07
N ARG A 256 11.93 19.84 29.77
CA ARG A 256 12.72 18.69 30.25
C ARG A 256 12.75 18.60 31.77
N THR A 257 13.05 17.40 32.28
CA THR A 257 13.52 17.24 33.64
C THR A 257 15.03 17.47 33.68
N SER A 258 15.57 17.61 34.88
CA SER A 258 17.00 17.71 35.08
C SER A 258 17.61 16.32 35.02
N PRO A 259 18.83 16.20 34.50
CA PRO A 259 19.37 14.85 34.32
C PRO A 259 19.76 14.15 35.64
N LYS A 260 19.35 12.90 35.79
CA LYS A 260 19.74 12.05 36.93
C LYS A 260 20.61 10.89 36.45
N PRO A 261 21.25 10.15 37.38
CA PRO A 261 21.95 8.90 37.04
C PRO A 261 21.04 7.73 36.63
N PHE A 262 21.39 7.06 35.54
CA PHE A 262 20.51 6.04 34.92
C PHE A 262 20.61 4.69 35.64
N THR A 263 19.94 4.62 36.79
CA THR A 263 19.80 3.37 37.51
C THR A 263 18.46 2.74 37.13
N GLU A 264 18.27 1.50 37.54
CA GLU A 264 17.07 0.73 37.16
C GLU A 264 15.76 1.34 37.69
N GLU A 265 15.89 2.34 38.55
CA GLU A 265 14.74 3.16 38.95
C GLU A 265 15.23 4.61 39.11
N VAL A 266 14.61 5.56 38.39
CA VAL A 266 14.95 6.99 38.53
C VAL A 266 13.69 7.81 38.79
N LEU A 267 13.58 8.36 40.00
CA LEU A 267 12.44 9.18 40.41
C LEU A 267 12.81 10.67 40.43
N TRP A 268 11.83 11.52 40.14
CA TRP A 268 12.01 12.97 40.03
C TRP A 268 11.04 13.73 40.90
N ASN A 269 9.79 13.25 40.94
CA ASN A 269 8.67 13.95 41.59
C ASN A 269 8.54 15.44 41.20
N VAL A 270 8.84 15.74 39.94
CA VAL A 270 8.91 17.13 39.44
C VAL A 270 7.70 17.52 38.61
N TRP A 271 7.17 18.72 38.85
CA TRP A 271 6.16 19.33 37.96
C TRP A 271 6.86 20.05 36.85
N LEU A 272 6.47 19.76 35.62
CA LEU A 272 6.88 20.53 34.44
C LEU A 272 5.70 21.39 33.99
N GLU A 273 5.77 22.68 34.30
CA GLU A 273 4.80 23.63 33.78
C GLU A 273 5.16 23.95 32.32
N PHE A 274 4.17 23.92 31.44
CA PHE A 274 4.39 24.31 30.04
C PHE A 274 3.93 25.75 29.83
N SER A 275 4.40 26.35 28.73
CA SER A 275 4.02 27.72 28.38
C SER A 275 2.62 27.78 27.76
N ILE A 276 2.11 26.65 27.27
CA ILE A 276 0.77 26.60 26.71
C ILE A 276 -0.31 26.57 27.80
N LYS A 277 -1.40 27.28 27.56
CA LYS A 277 -2.56 27.26 28.44
C LYS A 277 -3.49 26.10 28.09
N ILE A 278 -4.18 25.57 29.10
CA ILE A 278 -5.11 24.46 28.95
C ILE A 278 -6.21 24.71 27.92
N LYS A 279 -6.65 25.97 27.80
CA LYS A 279 -7.67 26.32 26.81
C LYS A 279 -7.11 26.30 25.38
N ASP A 280 -5.80 26.48 25.28
CA ASP A 280 -5.11 26.47 24.00
C ASP A 280 -4.76 25.07 23.48
N LEU A 281 -5.03 24.03 24.26
CA LEU A 281 -4.77 22.66 23.80
C LEU A 281 -5.78 22.35 22.70
N PRO A 282 -5.28 21.98 21.51
CA PRO A 282 -6.15 21.55 20.41
C PRO A 282 -6.45 20.06 20.53
N LYS A 283 -7.56 19.63 19.97
CA LYS A 283 -7.89 18.21 19.97
C LYS A 283 -6.86 17.46 19.15
N GLY A 284 -6.53 16.26 19.61
CA GLY A 284 -5.45 15.51 18.99
C GLY A 284 -4.07 15.94 19.45
N ALA A 285 -3.99 16.86 20.40
CA ALA A 285 -2.70 17.16 21.05
C ALA A 285 -2.24 15.89 21.77
N LEU A 286 -0.97 15.55 21.58
CA LEU A 286 -0.33 14.43 22.24
C LEU A 286 0.67 14.97 23.22
N LEU A 287 0.67 14.44 24.45
CA LEU A 287 1.85 14.53 25.30
C LEU A 287 2.79 13.43 24.83
N ASN A 288 3.94 13.84 24.30
CA ASN A 288 4.97 12.93 23.81
C ASN A 288 6.10 12.90 24.81
N LEU A 289 6.25 11.78 25.51
CA LEU A 289 7.30 11.64 26.51
C LEU A 289 8.45 10.84 25.90
N GLN A 290 9.66 11.37 26.01
CA GLN A 290 10.85 10.75 25.45
C GLN A 290 11.95 10.67 26.50
N ILE A 291 12.85 9.69 26.33
CA ILE A 291 13.94 9.47 27.27
C ILE A 291 15.26 9.48 26.53
N TYR A 292 16.15 10.41 26.94
CA TYR A 292 17.47 10.54 26.37
C TYR A 292 18.52 10.17 27.39
N CYS A 293 19.75 9.99 26.92
CA CYS A 293 20.89 9.65 27.76
C CYS A 293 22.20 10.16 27.15
N GLY A 294 23.26 10.22 27.98
CA GLY A 294 24.58 10.65 27.52
C GLY A 294 25.40 11.30 28.63
N LYS A 315 26.98 14.89 23.49
CA LYS A 315 26.65 13.48 23.69
C LYS A 315 25.22 13.32 24.20
N VAL A 316 24.30 12.95 23.31
CA VAL A 316 22.90 12.68 23.67
C VAL A 316 22.27 11.68 22.70
N GLN A 317 21.40 10.81 23.21
CA GLN A 317 20.70 9.85 22.35
C GLN A 317 19.33 9.44 22.88
N LEU A 318 18.33 9.46 21.99
CA LEU A 318 16.97 9.05 22.32
C LEU A 318 16.89 7.54 22.40
N LEU A 319 16.36 7.03 23.51
CA LEU A 319 16.29 5.59 23.72
C LEU A 319 14.88 5.02 23.82
N TYR A 320 13.94 5.81 24.31
CA TYR A 320 12.57 5.34 24.49
C TYR A 320 11.59 6.47 24.27
N TYR A 321 10.40 6.14 23.75
CA TYR A 321 9.33 7.11 23.62
C TYR A 321 7.97 6.48 23.92
N VAL A 322 7.02 7.32 24.34
CA VAL A 322 5.63 6.92 24.44
C VAL A 322 4.80 8.19 24.31
N ASN A 323 3.53 8.04 23.97
CA ASN A 323 2.65 9.17 23.78
C ASN A 323 1.36 9.01 24.54
N LEU A 324 0.63 10.10 24.73
CA LEU A 324 -0.64 10.08 25.43
C LEU A 324 -1.47 11.25 24.96
N LEU A 325 -2.61 10.97 24.34
CA LEU A 325 -3.56 12.04 23.95
C LEU A 325 -4.01 12.83 25.18
N LEU A 326 -3.80 14.14 25.13
CA LEU A 326 -4.12 15.04 26.23
C LEU A 326 -5.61 15.33 26.28
N ILE A 327 -6.28 15.35 25.12
CA ILE A 327 -7.75 15.41 25.05
C ILE A 327 -8.30 14.09 24.52
N ASP A 328 -9.07 13.38 25.35
CA ASP A 328 -9.44 12.02 25.02
C ASP A 328 -10.57 11.96 23.99
N HIS A 329 -11.12 10.76 23.81
CA HIS A 329 -12.16 10.52 22.79
C HIS A 329 -13.50 11.16 23.10
N ARG A 330 -13.84 11.32 24.38
CA ARG A 330 -15.08 12.02 24.76
C ARG A 330 -14.87 13.53 24.99
N PHE A 331 -13.91 14.12 24.28
CA PHE A 331 -13.50 15.52 24.45
C PHE A 331 -13.06 15.94 25.88
N LEU A 332 -12.78 14.99 26.75
CA LEU A 332 -12.35 15.30 28.11
C LEU A 332 -10.84 15.45 28.19
N LEU A 333 -10.37 16.38 29.01
CA LEU A 333 -8.94 16.54 29.31
C LEU A 333 -8.47 15.37 30.17
N ARG A 334 -7.22 14.98 29.98
CA ARG A 334 -6.69 13.79 30.61
C ARG A 334 -6.30 14.07 32.04
N ARG A 335 -6.92 13.34 32.97
CA ARG A 335 -6.71 13.55 34.40
C ARG A 335 -6.30 12.24 35.04
N GLY A 336 -5.32 12.27 35.94
CA GLY A 336 -5.01 11.12 36.80
C GLY A 336 -3.63 10.53 36.69
N GLU A 337 -3.47 9.36 37.33
CA GLU A 337 -2.21 8.62 37.37
C GLU A 337 -2.10 7.71 36.15
N TYR A 338 -0.93 7.72 35.52
CA TYR A 338 -0.65 6.83 34.39
C TYR A 338 0.71 6.18 34.56
N VAL A 339 0.78 4.89 34.25
CA VAL A 339 2.05 4.16 34.18
C VAL A 339 2.20 3.56 32.77
N LEU A 340 2.88 4.30 31.90
CA LEU A 340 2.96 3.99 30.46
C LEU A 340 4.20 3.19 30.09
N HIS A 341 4.02 2.01 29.52
CA HIS A 341 5.13 1.21 29.06
C HIS A 341 5.58 1.67 27.69
N MET A 342 6.88 1.92 27.56
CA MET A 342 7.45 2.64 26.42
C MET A 342 8.09 1.75 25.38
N TRP A 343 8.26 2.31 24.18
CA TRP A 343 8.90 1.65 23.05
C TRP A 343 10.36 2.02 22.98
N GLN A 344 11.16 1.09 22.46
CA GLN A 344 12.60 1.28 22.27
C GLN A 344 12.88 1.84 20.88
N ILE A 345 14.09 2.38 20.70
CA ILE A 345 14.59 2.69 19.36
C ILE A 345 15.62 1.64 18.96
N SER A 346 15.71 1.36 17.66
CA SER A 346 16.68 0.38 17.14
C SER A 346 18.09 0.92 17.17
N SER A 354 14.01 9.03 11.55
CA SER A 354 13.57 10.35 11.96
C SER A 354 12.03 10.46 11.97
N PHE A 355 11.41 10.46 10.78
CA PHE A 355 9.95 10.55 10.65
C PHE A 355 9.34 9.18 10.42
N ASN A 356 9.04 8.49 11.53
CA ASN A 356 8.44 7.18 11.52
C ASN A 356 7.01 7.27 12.05
N ALA A 357 6.06 6.68 11.33
CA ALA A 357 4.67 6.64 11.76
C ALA A 357 4.52 6.02 13.14
N ASP A 358 5.36 5.02 13.42
CA ASP A 358 5.41 4.39 14.73
C ASP A 358 5.60 5.37 15.90
N LYS A 359 6.32 6.46 15.68
CA LYS A 359 6.55 7.45 16.73
C LYS A 359 5.29 8.20 17.16
N LEU A 360 4.25 8.13 16.36
CA LEU A 360 3.02 8.88 16.64
C LEU A 360 1.95 8.07 17.37
N THR A 361 2.18 6.79 17.63
CA THR A 361 1.11 5.92 18.14
C THR A 361 0.76 6.27 19.58
N SER A 362 -0.49 5.99 19.94
CA SER A 362 -0.99 6.16 21.30
C SER A 362 -0.95 4.81 22.00
N ALA A 363 -0.63 3.77 21.26
CA ALA A 363 -0.50 2.47 21.85
C ALA A 363 0.72 2.50 22.74
N THR A 364 0.59 1.92 23.94
CA THR A 364 1.73 1.66 24.79
C THR A 364 2.20 0.25 24.50
N ASN A 365 3.45 -0.01 24.83
CA ASN A 365 4.09 -1.32 24.66
C ASN A 365 3.36 -2.43 25.45
N PRO A 366 2.92 -3.50 24.76
CA PRO A 366 2.28 -4.62 25.48
C PRO A 366 3.24 -5.42 26.35
N ASP A 367 4.52 -5.44 25.98
CA ASP A 367 5.55 -6.23 26.66
C ASP A 367 5.94 -5.61 28.02
N LYS A 368 5.08 -5.80 29.02
CA LYS A 368 5.24 -5.21 30.36
C LYS A 368 6.57 -5.60 31.07
N GLU A 369 7.05 -6.81 30.77
CA GLU A 369 8.16 -7.42 31.51
C GLU A 369 9.55 -6.93 31.11
N ASN A 370 9.78 -6.64 29.84
CA ASN A 370 11.10 -6.23 29.36
C ASN A 370 11.21 -4.73 29.14
N SER A 371 10.07 -4.04 29.07
CA SER A 371 10.05 -2.66 28.60
C SER A 371 10.11 -1.61 29.72
N MET A 372 10.75 -0.49 29.38
CA MET A 372 10.80 0.70 30.20
C MET A 372 9.40 1.26 30.40
N SER A 373 9.17 1.87 31.56
CA SER A 373 7.92 2.61 31.79
C SER A 373 8.18 3.95 32.45
N ILE A 374 7.16 4.80 32.46
CA ILE A 374 7.26 6.14 33.04
C ILE A 374 5.98 6.36 33.82
N SER A 375 6.06 7.17 34.86
CA SER A 375 4.91 7.38 35.74
C SER A 375 4.62 8.87 35.89
N ILE A 376 3.37 9.24 35.60
CA ILE A 376 2.98 10.66 35.54
C ILE A 376 1.62 10.96 36.20
N LEU A 377 1.35 12.26 36.36
CA LEU A 377 0.14 12.72 37.02
C LEU A 377 -0.40 13.98 36.36
N LEU A 378 -1.69 13.94 36.04
CA LEU A 378 -2.40 15.12 35.53
C LEU A 378 -3.56 15.48 36.47
N ASP A 379 -3.61 16.75 36.90
CA ASP A 379 -4.82 17.30 37.55
C ASP A 379 -5.24 18.61 36.86
N PRO A 384 -13.84 18.07 36.01
CA PRO A 384 -14.10 17.40 34.74
C PRO A 384 -14.14 18.41 33.59
N ILE A 385 -12.98 18.67 33.01
CA ILE A 385 -12.85 19.67 31.95
C ILE A 385 -13.03 19.06 30.55
N ALA A 386 -14.10 19.45 29.85
CA ALA A 386 -14.37 19.00 28.49
C ALA A 386 -14.10 20.14 27.52
N LEU A 387 -13.71 19.78 26.28
CA LEU A 387 -13.47 20.75 25.21
C LEU A 387 -14.78 21.01 24.48
N PRO A 388 -15.16 22.28 24.28
CA PRO A 388 -16.36 22.60 23.49
C PRO A 388 -16.21 22.36 21.98
N LYS A 389 -17.33 22.33 21.26
CA LYS A 389 -17.34 22.21 19.80
C LYS A 389 -17.77 23.54 19.15
N HIS A 390 -17.37 23.75 17.89
CA HIS A 390 -17.63 25.01 17.17
C HIS A 390 -19.06 25.16 16.72
N GLN A 391 -19.40 26.34 16.19
CA GLN A 391 -20.72 26.59 15.60
C GLN A 391 -20.85 25.84 14.27
N GLU A 404 -8.41 43.19 -1.09
CA GLU A 404 -8.14 42.90 -2.49
C GLU A 404 -6.69 43.24 -2.83
N MET A 405 -5.87 42.21 -2.98
CA MET A 405 -4.43 42.33 -2.73
C MET A 405 -3.56 42.87 -3.88
N PRO A 406 -2.41 43.48 -3.52
CA PRO A 406 -1.38 43.95 -4.45
C PRO A 406 -0.91 42.90 -5.44
N ASN A 407 -0.33 43.35 -6.53
CA ASN A 407 0.18 42.47 -7.53
C ASN A 407 1.33 41.60 -7.00
N GLN A 408 2.30 42.23 -6.37
CA GLN A 408 3.49 41.52 -5.91
C GLN A 408 3.15 40.39 -4.94
N LEU A 409 2.16 40.64 -4.08
CA LEU A 409 1.78 39.70 -3.06
C LEU A 409 1.03 38.50 -3.65
N ARG A 410 0.16 38.79 -4.62
CA ARG A 410 -0.58 37.73 -5.30
C ARG A 410 0.38 36.76 -5.97
N LYS A 411 1.38 37.30 -6.66
CA LYS A 411 2.37 36.46 -7.33
C LYS A 411 3.11 35.63 -6.29
N GLN A 412 3.50 36.29 -5.20
CA GLN A 412 4.26 35.65 -4.15
C GLN A 412 3.43 34.51 -3.56
N LEU A 413 2.13 34.70 -3.47
CA LEU A 413 1.21 33.72 -2.92
C LEU A 413 1.00 32.54 -3.88
N GLU A 414 0.85 32.81 -5.17
CA GLU A 414 0.74 31.78 -6.21
C GLU A 414 2.04 30.96 -6.37
N ALA A 415 3.18 31.62 -6.24
CA ALA A 415 4.48 30.91 -6.20
C ALA A 415 4.52 29.89 -5.07
N ILE A 416 3.99 30.27 -3.92
CA ILE A 416 3.94 29.40 -2.75
C ILE A 416 2.97 28.26 -3.00
N ILE A 417 1.75 28.61 -3.38
CA ILE A 417 0.74 27.61 -3.69
C ILE A 417 1.21 26.59 -4.73
N ALA A 418 2.00 27.03 -5.70
CA ALA A 418 2.45 26.16 -6.81
C ALA A 418 3.56 25.17 -6.44
N THR A 419 4.28 25.40 -5.34
CA THR A 419 5.41 24.53 -4.99
C THR A 419 4.94 23.11 -4.63
N ASP A 420 5.89 22.18 -4.55
CA ASP A 420 5.59 20.78 -4.25
C ASP A 420 5.32 20.60 -2.77
N PRO A 421 4.78 19.44 -2.37
CA PRO A 421 4.44 19.15 -0.97
C PRO A 421 5.61 19.05 0.00
N LEU A 422 6.83 18.91 -0.51
CA LEU A 422 8.01 18.77 0.35
C LEU A 422 8.83 20.04 0.35
N ASN A 423 8.34 21.05 -0.35
CA ASN A 423 8.97 22.36 -0.27
C ASN A 423 8.60 22.99 1.07
N PRO A 424 9.61 23.22 1.93
CA PRO A 424 9.29 23.71 3.27
C PRO A 424 8.82 25.16 3.22
N LEU A 425 7.77 25.46 3.99
CA LEU A 425 7.21 26.80 4.09
C LEU A 425 7.93 27.57 5.18
N THR A 426 8.43 28.76 4.87
CA THR A 426 8.99 29.65 5.89
C THR A 426 7.91 30.35 6.70
N ALA A 427 8.30 30.99 7.80
CA ALA A 427 7.37 31.77 8.61
C ALA A 427 6.73 32.92 7.80
N GLU A 428 7.53 33.58 6.97
CA GLU A 428 7.03 34.60 6.08
C GLU A 428 5.90 34.07 5.19
N ASP A 429 6.09 32.88 4.63
CA ASP A 429 5.08 32.24 3.76
C ASP A 429 3.85 31.87 4.56
N LYS A 430 4.07 31.32 5.76
CA LYS A 430 2.96 30.97 6.62
C LYS A 430 2.12 32.20 6.96
N GLU A 431 2.79 33.28 7.35
CA GLU A 431 2.11 34.51 7.74
C GLU A 431 1.35 35.09 6.57
N LEU A 432 1.93 34.94 5.38
CA LEU A 432 1.26 35.39 4.16
C LEU A 432 -0.02 34.60 3.88
N LEU A 433 0.08 33.27 3.90
CA LEU A 433 -1.06 32.41 3.64
C LEU A 433 -2.16 32.69 4.63
N TRP A 434 -1.80 32.84 5.89
CA TRP A 434 -2.78 33.07 6.93
C TRP A 434 -3.43 34.42 6.78
N HIS A 435 -2.63 35.45 6.56
CA HIS A 435 -3.21 36.78 6.34
C HIS A 435 -4.16 36.79 5.19
N PHE A 436 -3.80 36.11 4.10
CA PHE A 436 -4.69 36.02 2.92
C PHE A 436 -5.43 34.67 2.86
N ARG A 437 -5.81 34.25 4.06
CA ARG A 437 -6.76 33.19 4.33
C ARG A 437 -7.81 32.98 3.23
N TYR A 438 -8.65 33.97 3.01
CA TYR A 438 -9.86 33.79 2.21
C TYR A 438 -9.58 33.75 0.72
N GLU A 439 -8.50 34.41 0.31
CA GLU A 439 -8.06 34.31 -1.06
C GLU A 439 -7.42 32.95 -1.35
N SER A 440 -6.73 32.40 -0.36
CA SER A 440 -6.11 31.08 -0.46
C SER A 440 -7.13 29.96 -0.48
N LEU A 441 -8.26 30.16 0.17
CA LEU A 441 -9.34 29.18 0.19
C LEU A 441 -9.97 28.94 -1.17
N LYS A 442 -9.83 29.89 -2.09
CA LYS A 442 -10.34 29.75 -3.47
C LYS A 442 -9.50 28.81 -4.34
N HIS A 443 -8.36 28.36 -3.83
CA HIS A 443 -7.48 27.47 -4.57
C HIS A 443 -7.35 26.15 -3.83
N PRO A 444 -8.05 25.11 -4.29
CA PRO A 444 -7.87 23.80 -3.66
C PRO A 444 -6.40 23.40 -3.42
N LYS A 445 -5.54 23.68 -4.38
CA LYS A 445 -4.12 23.35 -4.22
C LYS A 445 -3.44 24.03 -3.03
N ALA A 446 -4.05 25.08 -2.48
CA ALA A 446 -3.47 25.83 -1.36
C ALA A 446 -3.76 25.20 -0.01
N TYR A 447 -4.62 24.20 0.02
CA TYR A 447 -5.14 23.73 1.28
C TYR A 447 -4.07 23.13 2.20
N PRO A 448 -3.24 22.20 1.70
CA PRO A 448 -2.16 21.68 2.54
C PRO A 448 -1.29 22.77 3.15
N LYS A 449 -0.86 23.71 2.31
CA LYS A 449 0.00 24.80 2.77
C LYS A 449 -0.73 25.68 3.78
N LEU A 450 -1.94 26.09 3.45
CA LEU A 450 -2.74 26.95 4.33
C LEU A 450 -2.94 26.33 5.69
N PHE A 451 -3.36 25.07 5.73
CA PHE A 451 -3.60 24.40 7.01
C PHE A 451 -2.33 24.03 7.76
N SER A 452 -1.19 24.12 7.09
CA SER A 452 0.11 24.11 7.74
C SER A 452 0.58 25.47 8.25
N SER A 453 -0.22 26.51 8.07
CA SER A 453 0.14 27.86 8.56
C SER A 453 -0.67 28.27 9.78
N VAL A 454 -1.52 27.36 10.25
CA VAL A 454 -2.40 27.63 11.35
C VAL A 454 -1.64 27.33 12.64
N LYS A 455 -1.54 28.32 13.51
CA LYS A 455 -0.93 28.12 14.84
C LYS A 455 -1.91 27.36 15.73
N TRP A 456 -1.74 26.04 15.78
CA TRP A 456 -2.74 25.14 16.38
C TRP A 456 -2.77 25.17 17.90
N GLY A 457 -1.76 25.81 18.50
CA GLY A 457 -1.70 25.95 19.96
C GLY A 457 -2.25 27.28 20.44
N GLN A 458 -3.26 27.79 19.74
CA GLN A 458 -3.83 29.12 20.00
C GLN A 458 -5.33 29.01 19.70
N GLN A 459 -6.14 28.93 20.75
CA GLN A 459 -7.57 28.60 20.62
C GLN A 459 -8.35 29.49 19.64
N GLU A 460 -8.05 30.78 19.60
CA GLU A 460 -8.78 31.69 18.70
C GLU A 460 -8.41 31.49 17.23
N ILE A 461 -7.12 31.27 16.96
CA ILE A 461 -6.70 30.94 15.59
C ILE A 461 -7.46 29.71 15.07
N VAL A 462 -7.50 28.65 15.88
CA VAL A 462 -8.16 27.40 15.50
C VAL A 462 -9.63 27.65 15.24
N ALA A 463 -10.25 28.45 16.10
CA ALA A 463 -11.64 28.88 15.93
C ALA A 463 -11.85 29.52 14.55
N LYS A 464 -10.96 30.45 14.20
CA LYS A 464 -11.03 31.11 12.91
C LYS A 464 -10.83 30.13 11.77
N THR A 465 -9.99 29.13 11.99
CA THR A 465 -9.76 28.06 11.00
C THR A 465 -11.04 27.26 10.76
N TYR A 466 -11.77 26.98 11.84
CA TYR A 466 -13.05 26.28 11.76
C TYR A 466 -14.12 27.14 11.08
N GLN A 467 -14.14 28.44 11.35
CA GLN A 467 -14.93 29.39 10.57
C GLN A 467 -14.60 29.29 9.09
N LEU A 468 -13.31 29.25 8.79
CA LEU A 468 -12.84 29.18 7.42
C LEU A 468 -13.32 27.90 6.78
N LEU A 469 -13.21 26.78 7.50
CA LEU A 469 -13.70 25.48 7.00
C LEU A 469 -15.21 25.43 6.78
N ALA A 470 -15.95 26.30 7.47
CA ALA A 470 -17.40 26.41 7.26
C ALA A 470 -17.74 26.89 5.85
N ARG A 471 -16.88 27.73 5.28
CA ARG A 471 -17.09 28.33 3.97
C ARG A 471 -16.34 27.56 2.87
N ARG A 472 -16.54 26.24 2.78
CA ARG A 472 -15.73 25.44 1.84
C ARG A 472 -16.51 25.05 0.58
N GLU A 473 -17.08 26.05 -0.08
CA GLU A 473 -17.87 25.84 -1.29
C GLU A 473 -17.00 25.37 -2.46
N VAL A 474 -15.84 26.02 -2.67
CA VAL A 474 -14.97 25.73 -3.82
C VAL A 474 -14.35 24.33 -3.72
N TRP A 475 -13.90 24.01 -2.50
CA TRP A 475 -13.39 22.69 -2.20
C TRP A 475 -14.43 21.64 -2.48
N ASP A 476 -15.61 21.80 -1.87
CA ASP A 476 -16.72 20.87 -2.09
C ASP A 476 -17.04 20.73 -3.59
N GLN A 477 -16.99 21.83 -4.34
CA GLN A 477 -17.28 21.82 -5.78
C GLN A 477 -16.20 21.18 -6.67
N SER A 478 -14.93 21.39 -6.31
CA SER A 478 -13.77 20.96 -7.13
C SER A 478 -13.73 19.47 -7.46
N ALA A 479 -13.13 19.13 -8.60
CA ALA A 479 -12.99 17.73 -9.01
C ALA A 479 -11.97 17.02 -8.10
N LEU A 480 -12.17 15.72 -7.90
CA LEU A 480 -11.36 14.94 -6.98
C LEU A 480 -9.89 14.88 -7.43
N ASP A 481 -9.00 15.43 -6.59
CA ASP A 481 -7.56 15.31 -6.78
C ASP A 481 -6.97 14.43 -5.68
N VAL A 482 -6.58 13.21 -6.03
CA VAL A 482 -6.17 12.24 -5.02
C VAL A 482 -4.88 12.65 -4.33
N GLY A 483 -3.96 13.23 -5.09
CA GLY A 483 -2.71 13.72 -4.54
C GLY A 483 -2.93 14.75 -3.45
N LEU A 484 -3.78 15.71 -3.77
CA LEU A 484 -4.14 16.77 -2.83
C LEU A 484 -4.82 16.18 -1.61
N THR A 485 -5.73 15.25 -1.85
CA THR A 485 -6.49 14.58 -0.80
C THR A 485 -5.57 13.75 0.09
N MET A 486 -4.67 12.99 -0.52
CA MET A 486 -3.70 12.24 0.27
C MET A 486 -2.87 13.16 1.18
N GLN A 487 -2.45 14.35 0.70
CA GLN A 487 -1.60 15.23 1.53
C GLN A 487 -2.27 15.57 2.84
N LEU A 488 -3.58 15.77 2.81
CA LEU A 488 -4.33 16.14 3.99
C LEU A 488 -4.51 14.98 4.96
N LEU A 489 -4.17 13.77 4.54
CA LEU A 489 -4.25 12.59 5.39
C LEU A 489 -2.86 12.11 5.92
N ASP A 490 -1.83 12.91 5.74
CA ASP A 490 -0.49 12.50 6.14
C ASP A 490 -0.20 12.96 7.56
N CYS A 491 1.05 12.82 7.96
CA CYS A 491 1.46 13.12 9.33
C CYS A 491 1.44 14.60 9.72
N ASN A 492 1.36 15.49 8.75
CA ASN A 492 1.31 16.94 8.99
C ASN A 492 -0.05 17.46 9.44
N PHE A 493 -1.08 16.63 9.47
CA PHE A 493 -2.42 17.10 9.80
C PHE A 493 -3.08 16.20 10.83
N SER A 494 -3.20 16.69 12.06
CA SER A 494 -3.80 15.93 13.17
C SER A 494 -5.15 16.49 13.58
N ASP A 495 -5.67 17.42 12.79
CA ASP A 495 -6.97 17.97 13.08
C ASP A 495 -8.03 17.19 12.31
N GLU A 496 -9.09 16.81 13.01
CA GLU A 496 -10.13 15.97 12.45
C GLU A 496 -10.90 16.65 11.33
N ASN A 497 -11.14 17.95 11.48
CA ASN A 497 -11.99 18.66 10.56
C ASN A 497 -11.27 18.88 9.23
N VAL A 498 -9.99 19.22 9.28
CA VAL A 498 -9.18 19.21 8.08
C VAL A 498 -9.23 17.82 7.43
N ARG A 499 -8.93 16.80 8.22
CA ARG A 499 -8.84 15.46 7.69
C ARG A 499 -10.16 14.98 7.08
N ALA A 500 -11.27 15.37 7.69
CA ALA A 500 -12.58 14.97 7.20
C ALA A 500 -12.88 15.55 5.81
N ILE A 501 -12.37 16.74 5.50
CA ILE A 501 -12.65 17.27 4.17
C ILE A 501 -11.90 16.43 3.14
N ALA A 502 -10.84 15.74 3.57
CA ALA A 502 -10.11 14.83 2.67
C ALA A 502 -10.94 13.60 2.39
N VAL A 503 -11.39 12.95 3.45
CA VAL A 503 -12.23 11.75 3.34
C VAL A 503 -13.54 12.08 2.62
N GLN A 504 -14.07 13.27 2.86
CA GLN A 504 -15.23 13.77 2.12
C GLN A 504 -15.03 13.59 0.62
N LYS A 505 -13.86 13.94 0.10
CA LYS A 505 -13.60 13.77 -1.33
C LYS A 505 -13.42 12.30 -1.75
N LEU A 506 -12.94 11.45 -0.85
CA LEU A 506 -12.73 10.05 -1.18
C LEU A 506 -14.06 9.35 -1.39
N GLU A 507 -15.11 9.84 -0.75
CA GLU A 507 -16.45 9.25 -0.87
C GLU A 507 -16.86 9.12 -2.33
N SER A 508 -16.38 10.03 -3.16
CA SER A 508 -16.76 10.05 -4.57
C SER A 508 -15.90 9.16 -5.46
N LEU A 509 -14.94 8.44 -4.87
CA LEU A 509 -14.12 7.51 -5.64
C LEU A 509 -14.95 6.29 -6.02
N GLU A 510 -14.88 5.86 -7.27
CA GLU A 510 -15.55 4.61 -7.67
C GLU A 510 -14.72 3.42 -7.17
N ASP A 511 -15.37 2.29 -6.92
CA ASP A 511 -14.70 1.08 -6.42
C ASP A 511 -13.40 0.68 -7.16
N ASP A 512 -13.27 1.02 -8.43
CA ASP A 512 -12.02 0.78 -9.13
C ASP A 512 -10.87 1.60 -8.54
N ASP A 513 -11.12 2.86 -8.23
CA ASP A 513 -10.08 3.75 -7.73
C ASP A 513 -9.73 3.47 -6.28
N VAL A 514 -10.72 3.07 -5.49
CA VAL A 514 -10.43 2.73 -4.11
C VAL A 514 -9.41 1.61 -4.05
N LEU A 515 -9.57 0.61 -4.92
CA LEU A 515 -8.62 -0.48 -5.01
C LEU A 515 -7.22 -0.03 -5.37
N HIS A 516 -7.08 1.00 -6.20
CA HIS A 516 -5.77 1.55 -6.53
C HIS A 516 -5.08 2.17 -5.35
N TYR A 517 -5.83 2.78 -4.45
CA TYR A 517 -5.26 3.54 -3.36
C TYR A 517 -5.44 2.88 -1.98
N LEU A 518 -6.01 1.67 -1.93
CA LEU A 518 -6.49 1.10 -0.68
C LEU A 518 -5.39 0.84 0.29
N LEU A 519 -4.30 0.29 -0.20
CA LEU A 519 -3.15 -0.03 0.62
C LEU A 519 -2.67 1.21 1.40
N GLN A 520 -2.56 2.31 0.70
CA GLN A 520 -2.03 3.50 1.30
C GLN A 520 -3.02 4.26 2.14
N LEU A 521 -4.29 4.18 1.76
CA LEU A 521 -5.37 4.64 2.64
C LEU A 521 -5.33 3.84 3.96
N VAL A 522 -5.19 2.51 3.89
CA VAL A 522 -5.06 1.72 5.09
C VAL A 522 -3.82 2.16 5.88
N GLN A 523 -2.71 2.48 5.23
CA GLN A 523 -1.53 2.92 5.96
C GLN A 523 -1.73 4.32 6.59
N ALA A 524 -2.56 5.15 5.96
CA ALA A 524 -2.77 6.52 6.45
C ALA A 524 -3.53 6.53 7.76
N VAL A 525 -4.22 5.44 8.05
CA VAL A 525 -4.87 5.28 9.33
C VAL A 525 -3.86 5.45 10.47
N LYS A 526 -2.59 5.17 10.20
CA LYS A 526 -1.57 5.30 11.23
C LYS A 526 -1.32 6.73 11.64
N PHE A 527 -1.73 7.69 10.81
CA PHE A 527 -1.56 9.11 11.08
C PHE A 527 -2.79 9.71 11.76
N GLU A 528 -3.83 8.90 11.96
CA GLU A 528 -5.03 9.36 12.66
C GLU A 528 -4.76 9.43 14.17
N PRO A 529 -5.08 10.56 14.81
CA PRO A 529 -4.92 10.70 16.26
C PRO A 529 -5.77 9.74 17.09
N TYR A 530 -7.01 9.50 16.64
CA TYR A 530 -7.98 8.66 17.37
C TYR A 530 -8.27 7.38 16.61
N HIS A 531 -8.61 6.32 17.35
CA HIS A 531 -8.89 5.01 16.79
C HIS A 531 -10.11 5.03 15.90
N ASP A 532 -11.09 5.84 16.29
CA ASP A 532 -12.29 6.06 15.52
C ASP A 532 -12.07 7.34 14.71
N SER A 533 -12.08 7.20 13.38
CA SER A 533 -11.84 8.32 12.50
C SER A 533 -12.74 8.25 11.28
N ALA A 534 -12.95 9.39 10.63
CA ALA A 534 -13.64 9.42 9.33
C ALA A 534 -13.05 8.44 8.32
N LEU A 535 -11.72 8.39 8.25
CA LEU A 535 -11.00 7.54 7.32
C LEU A 535 -11.21 6.05 7.65
N ALA A 536 -11.10 5.70 8.93
CA ALA A 536 -11.31 4.31 9.37
C ALA A 536 -12.71 3.81 8.99
N ARG A 537 -13.71 4.66 9.14
CA ARG A 537 -15.08 4.28 8.81
C ARG A 537 -15.31 4.17 7.31
N PHE A 538 -14.72 5.09 6.56
CA PHE A 538 -14.79 5.05 5.10
C PHE A 538 -14.25 3.73 4.56
N LEU A 539 -13.12 3.28 5.09
CA LEU A 539 -12.55 2.03 4.66
C LEU A 539 -13.50 0.90 5.02
N LEU A 540 -14.14 1.04 6.20
CA LEU A 540 -15.11 0.04 6.67
C LEU A 540 -16.28 -0.09 5.73
N LYS A 541 -16.92 1.01 5.37
CA LYS A 541 -18.10 0.87 4.51
C LYS A 541 -17.76 0.49 3.06
N ARG A 542 -16.71 1.07 2.49
CA ARG A 542 -16.31 0.70 1.12
C ARG A 542 -15.87 -0.76 1.04
N GLY A 543 -15.33 -1.28 2.13
CA GLY A 543 -15.01 -2.70 2.22
C GLY A 543 -16.25 -3.57 2.25
N LEU A 544 -17.18 -3.22 3.13
CA LEU A 544 -18.43 -3.97 3.29
C LEU A 544 -19.34 -3.83 2.07
N ARG A 545 -19.17 -2.78 1.28
CA ARG A 545 -19.99 -2.56 0.09
C ARG A 545 -19.54 -3.42 -1.08
N ASN A 546 -18.34 -3.98 -0.98
CA ASN A 546 -17.69 -4.65 -2.11
C ASN A 546 -16.74 -5.76 -1.65
N LYS A 547 -16.97 -6.99 -2.10
CA LYS A 547 -16.17 -8.14 -1.68
C LYS A 547 -14.70 -8.07 -2.11
N ARG A 548 -14.40 -7.37 -3.21
CA ARG A 548 -13.03 -7.27 -3.66
C ARG A 548 -12.24 -6.25 -2.82
N ILE A 549 -12.82 -5.08 -2.58
CA ILE A 549 -12.26 -4.15 -1.61
C ILE A 549 -12.18 -4.84 -0.26
N GLY A 550 -13.26 -5.50 0.16
CA GLY A 550 -13.29 -6.26 1.40
C GLY A 550 -12.19 -7.33 1.52
N HIS A 551 -11.98 -8.09 0.45
CA HIS A 551 -10.95 -9.13 0.46
C HIS A 551 -9.60 -8.51 0.73
N PHE A 552 -9.25 -7.50 -0.06
CA PHE A 552 -7.96 -6.85 0.14
C PHE A 552 -7.83 -6.11 1.48
N LEU A 553 -8.90 -5.48 1.95
CA LEU A 553 -8.87 -4.83 3.26
C LEU A 553 -8.50 -5.82 4.36
N PHE A 554 -9.10 -7.00 4.35
CA PHE A 554 -8.79 -8.03 5.32
C PHE A 554 -7.29 -8.24 5.40
N TRP A 555 -6.68 -8.57 4.25
CA TRP A 555 -5.24 -8.91 4.21
C TRP A 555 -4.34 -7.77 4.57
N PHE A 556 -4.67 -6.58 4.10
CA PHE A 556 -3.87 -5.41 4.42
C PHE A 556 -3.89 -5.16 5.92
N LEU A 557 -5.08 -5.18 6.51
CA LEU A 557 -5.22 -5.05 7.96
C LEU A 557 -4.52 -6.17 8.71
N ARG A 558 -4.77 -7.40 8.29
CA ARG A 558 -4.14 -8.55 8.96
C ARG A 558 -2.62 -8.49 8.93
N SER A 559 -2.07 -8.12 7.78
CA SER A 559 -0.65 -7.91 7.61
C SER A 559 -0.03 -6.94 8.63
N GLU A 560 -0.71 -5.81 8.86
CA GLU A 560 -0.27 -4.85 9.88
C GLU A 560 -0.48 -5.34 11.32
N ILE A 561 -1.55 -6.09 11.56
CA ILE A 561 -1.83 -6.62 12.89
C ILE A 561 -0.76 -7.63 13.31
N ALA A 562 -0.29 -8.40 12.35
CA ALA A 562 0.69 -9.47 12.62
C ALA A 562 2.10 -8.94 12.77
N GLN A 563 2.48 -7.84 12.12
CA GLN A 563 3.88 -7.41 12.25
C GLN A 563 4.12 -5.99 12.72
N SER A 564 3.11 -5.38 13.36
CA SER A 564 3.24 -4.08 14.01
C SER A 564 2.54 -4.02 15.36
N ARG A 565 3.33 -3.96 16.44
CA ARG A 565 2.75 -3.78 17.78
C ARG A 565 2.22 -2.35 17.99
N HIS A 566 2.80 -1.39 17.29
CA HIS A 566 2.39 0.01 17.43
C HIS A 566 0.96 0.28 17.01
N TYR A 567 0.45 -0.49 16.05
CA TYR A 567 -0.90 -0.22 15.53
C TYR A 567 -1.86 -1.41 15.48
N GLN A 568 -1.40 -2.60 15.86
CA GLN A 568 -2.25 -3.77 15.84
C GLN A 568 -3.58 -3.64 16.58
N GLN A 569 -3.60 -2.87 17.66
CA GLN A 569 -4.83 -2.72 18.45
C GLN A 569 -5.89 -2.01 17.62
N ARG A 570 -5.52 -0.88 17.04
CA ARG A 570 -6.42 -0.10 16.20
C ARG A 570 -6.87 -0.87 14.98
N PHE A 571 -5.94 -1.48 14.27
CA PHE A 571 -6.30 -2.22 13.06
C PHE A 571 -7.14 -3.44 13.40
N ALA A 572 -6.91 -4.03 14.57
CA ALA A 572 -7.72 -5.18 15.01
C ALA A 572 -9.17 -4.76 15.28
N VAL A 573 -9.36 -3.59 15.85
CA VAL A 573 -10.72 -3.10 16.08
C VAL A 573 -11.41 -2.88 14.74
N ILE A 574 -10.68 -2.34 13.77
CA ILE A 574 -11.25 -2.05 12.45
C ILE A 574 -11.58 -3.35 11.70
N LEU A 575 -10.68 -4.33 11.79
CA LEU A 575 -10.88 -5.60 11.07
C LEU A 575 -11.98 -6.42 11.67
N GLU A 576 -12.11 -6.37 13.01
CA GLU A 576 -13.23 -7.02 13.71
C GLU A 576 -14.53 -6.44 13.19
N ALA A 577 -14.59 -5.12 13.07
CA ALA A 577 -15.77 -4.48 12.55
C ALA A 577 -16.04 -4.98 11.12
N TYR A 578 -14.99 -5.07 10.29
CA TYR A 578 -15.19 -5.58 8.92
C TYR A 578 -15.78 -7.01 8.89
N LEU A 579 -15.17 -7.91 9.67
CA LEU A 579 -15.53 -9.32 9.64
C LEU A 579 -16.95 -9.57 10.20
N ARG A 580 -17.43 -8.66 11.05
CA ARG A 580 -18.77 -8.78 11.62
C ARG A 580 -19.86 -8.34 10.64
N GLY A 581 -19.49 -8.02 9.41
CA GLY A 581 -20.48 -7.64 8.42
C GLY A 581 -20.20 -8.07 7.01
N CYS A 582 -19.17 -8.89 6.80
CA CYS A 582 -18.80 -9.27 5.44
C CYS A 582 -19.67 -10.42 4.94
N GLY A 583 -20.14 -11.25 5.87
CA GLY A 583 -21.04 -12.36 5.57
C GLY A 583 -20.39 -13.69 5.87
N THR A 584 -21.23 -14.71 6.02
CA THR A 584 -20.78 -16.04 6.40
C THR A 584 -19.91 -16.71 5.33
N ALA A 585 -20.16 -16.40 4.06
CA ALA A 585 -19.38 -16.98 2.98
C ALA A 585 -17.95 -16.43 3.00
N MET A 586 -17.80 -15.11 3.02
CA MET A 586 -16.48 -14.49 3.12
C MET A 586 -15.73 -15.01 4.36
N LEU A 587 -16.46 -15.15 5.47
CA LEU A 587 -15.87 -15.70 6.71
C LEU A 587 -15.31 -17.10 6.50
N HIS A 588 -15.99 -17.89 5.67
CA HIS A 588 -15.55 -19.24 5.39
C HIS A 588 -14.33 -19.22 4.49
N ASP A 589 -14.36 -18.35 3.48
CA ASP A 589 -13.22 -18.14 2.62
C ASP A 589 -12.01 -17.72 3.45
N PHE A 590 -12.17 -16.67 4.26
CA PHE A 590 -11.05 -16.19 5.04
C PHE A 590 -10.52 -17.30 5.94
N THR A 591 -11.43 -18.13 6.47
CA THR A 591 -11.03 -19.23 7.34
C THR A 591 -10.18 -20.23 6.56
N GLN A 592 -10.67 -20.62 5.39
CA GLN A 592 -9.90 -21.51 4.52
C GLN A 592 -8.51 -20.96 4.18
N GLN A 593 -8.45 -19.69 3.81
CA GLN A 593 -7.20 -19.08 3.40
C GLN A 593 -6.19 -19.06 4.54
N VAL A 594 -6.66 -18.73 5.74
CA VAL A 594 -5.79 -18.65 6.89
C VAL A 594 -5.29 -20.03 7.23
N GLN A 595 -6.18 -21.02 7.16
CA GLN A 595 -5.80 -22.39 7.46
C GLN A 595 -4.67 -22.82 6.54
N VAL A 596 -4.82 -22.61 5.23
CA VAL A 596 -3.79 -22.98 4.29
C VAL A 596 -2.46 -22.30 4.59
N ILE A 597 -2.47 -20.99 4.81
CA ILE A 597 -1.19 -20.29 5.00
C ILE A 597 -0.54 -20.70 6.34
N GLU A 598 -1.34 -20.98 7.35
CA GLU A 598 -0.81 -21.54 8.60
C GLU A 598 -0.14 -22.91 8.39
N MET A 599 -0.76 -23.76 7.58
CA MET A 599 -0.19 -25.06 7.25
C MET A 599 1.12 -24.93 6.47
N LEU A 600 1.19 -23.94 5.57
CA LEU A 600 2.39 -23.74 4.77
C LEU A 600 3.55 -23.14 5.56
N GLN A 601 3.25 -22.22 6.47
CA GLN A 601 4.25 -21.67 7.38
C GLN A 601 5.01 -22.79 8.10
N LYS A 602 4.27 -23.73 8.68
CA LYS A 602 4.86 -24.82 9.46
C LYS A 602 5.83 -25.63 8.60
N VAL A 603 5.38 -26.01 7.41
CA VAL A 603 6.21 -26.74 6.48
C VAL A 603 7.45 -25.94 6.08
N THR A 604 7.33 -24.62 6.00
CA THR A 604 8.49 -23.80 5.64
C THR A 604 9.52 -23.74 6.78
N LEU A 605 9.05 -23.47 8.00
CA LEU A 605 9.94 -23.38 9.17
C LEU A 605 10.77 -24.65 9.35
N ASP A 606 10.12 -25.81 9.17
CA ASP A 606 10.78 -27.09 9.34
C ASP A 606 11.77 -27.40 8.21
N ILE A 607 11.44 -26.98 6.99
CA ILE A 607 12.34 -27.20 5.85
C ILE A 607 13.59 -26.33 6.00
N LYS A 608 13.40 -25.09 6.42
CA LYS A 608 14.51 -24.15 6.64
C LYS A 608 15.51 -24.74 7.63
N SER A 609 14.99 -25.39 8.67
CA SER A 609 15.79 -25.99 9.74
C SER A 609 16.73 -27.10 9.30
N LEU A 610 16.32 -27.89 8.31
CA LEU A 610 17.13 -29.03 7.84
C LEU A 610 18.33 -28.60 6.99
N SER A 611 18.23 -27.44 6.35
CA SER A 611 19.24 -27.00 5.38
C SER A 611 20.40 -26.24 6.04
N ALA A 612 21.53 -26.19 5.32
CA ALA A 612 22.72 -25.44 5.75
C ALA A 612 22.92 -24.23 4.83
N GLU A 613 22.63 -23.04 5.37
CA GLU A 613 22.65 -21.81 4.59
C GLU A 613 24.07 -21.30 4.41
N ASP A 616 23.05 -23.58 -1.95
CA ASP A 616 23.17 -24.85 -1.24
C ASP A 616 21.82 -25.33 -0.75
N VAL A 617 21.12 -26.03 -1.62
CA VAL A 617 19.86 -26.68 -1.28
C VAL A 617 19.87 -28.07 -1.89
N SER A 618 20.02 -29.10 -1.07
CA SER A 618 20.10 -30.46 -1.58
C SER A 618 18.75 -30.89 -2.18
N SER A 619 18.82 -31.89 -3.07
CA SER A 619 17.61 -32.50 -3.63
C SER A 619 17.03 -33.56 -2.69
N GLN A 620 17.84 -33.99 -1.72
CA GLN A 620 17.37 -34.88 -0.66
C GLN A 620 16.42 -34.13 0.27
N VAL A 621 16.63 -32.82 0.40
CA VAL A 621 15.68 -31.93 1.09
C VAL A 621 14.40 -31.71 0.27
N ILE A 622 14.51 -31.66 -1.06
CA ILE A 622 13.32 -31.54 -1.93
C ILE A 622 12.45 -32.81 -1.87
N SER A 623 13.03 -33.94 -1.50
CA SER A 623 12.25 -35.13 -1.19
C SER A 623 11.57 -34.99 0.17
N GLN A 624 12.27 -34.39 1.13
CA GLN A 624 11.68 -34.08 2.43
C GLN A 624 10.47 -33.13 2.29
N LEU A 625 10.56 -32.13 1.40
CA LEU A 625 9.47 -31.19 1.19
C LEU A 625 8.27 -31.93 0.61
N LYS A 626 8.53 -32.70 -0.44
CA LYS A 626 7.48 -33.45 -1.11
C LYS A 626 6.78 -34.42 -0.13
N GLN A 627 7.51 -34.94 0.84
CA GLN A 627 6.91 -35.81 1.84
C GLN A 627 5.89 -35.05 2.69
N LYS A 628 6.31 -33.90 3.23
CA LYS A 628 5.45 -33.12 4.13
C LYS A 628 4.23 -32.54 3.43
N LEU A 629 4.39 -32.17 2.16
CA LEU A 629 3.28 -31.66 1.36
C LEU A 629 2.23 -32.74 1.12
N GLU A 630 2.67 -33.93 0.77
CA GLU A 630 1.76 -35.08 0.63
C GLU A 630 1.06 -35.38 1.95
N ASN A 631 1.80 -35.29 3.06
CA ASN A 631 1.23 -35.55 4.40
C ASN A 631 0.05 -34.64 4.73
N LEU A 632 0.16 -33.37 4.38
CA LEU A 632 -0.91 -32.41 4.67
C LEU A 632 -2.00 -32.38 3.59
N GLN A 633 -1.76 -33.02 2.45
CA GLN A 633 -2.73 -33.04 1.35
C GLN A 633 -4.01 -33.79 1.72
N ASN A 634 -3.89 -34.99 2.29
CA ASN A 634 -5.10 -35.76 2.69
C ASN A 634 -5.88 -35.04 3.81
N SER A 635 -5.25 -34.88 4.97
CA SER A 635 -5.74 -33.97 5.99
C SER A 635 -4.55 -33.18 6.53
N GLN A 636 -4.72 -31.90 6.88
CA GLN A 636 -6.03 -31.25 6.97
C GLN A 636 -6.19 -30.06 5.99
N LEU A 637 -5.39 -30.03 4.92
CA LEU A 637 -5.48 -28.97 3.89
C LEU A 637 -6.91 -28.96 3.30
N PRO A 638 -7.48 -27.75 3.09
CA PRO A 638 -8.85 -27.71 2.60
C PRO A 638 -8.93 -28.05 1.11
N GLU A 639 -10.12 -28.49 0.70
CA GLU A 639 -10.37 -28.89 -0.68
C GLU A 639 -9.98 -27.78 -1.65
N SER A 640 -10.23 -26.53 -1.24
CA SER A 640 -10.06 -25.37 -2.11
C SER A 640 -9.91 -24.04 -1.32
N PHE A 641 -9.16 -23.08 -1.87
CA PHE A 641 -8.98 -21.78 -1.21
C PHE A 641 -8.78 -20.64 -2.22
N ARG A 642 -9.29 -19.45 -1.90
CA ARG A 642 -9.06 -18.30 -2.76
C ARG A 642 -7.60 -17.88 -2.71
N VAL A 643 -7.06 -17.48 -3.84
CA VAL A 643 -5.68 -17.04 -3.92
C VAL A 643 -5.61 -15.61 -3.38
N PRO A 644 -4.94 -15.40 -2.23
CA PRO A 644 -5.04 -14.11 -1.56
C PRO A 644 -4.72 -12.89 -2.43
N TYR A 645 -3.81 -13.02 -3.40
CA TYR A 645 -3.42 -11.88 -4.24
C TYR A 645 -4.27 -11.78 -5.50
N ASP A 646 -5.10 -12.80 -5.76
CA ASP A 646 -6.02 -12.80 -6.91
C ASP A 646 -7.32 -13.51 -6.52
N PRO A 647 -8.23 -12.80 -5.83
CA PRO A 647 -9.37 -13.43 -5.15
C PRO A 647 -10.37 -14.11 -6.07
N GLY A 648 -10.33 -13.82 -7.36
CA GLY A 648 -11.20 -14.48 -8.31
C GLY A 648 -10.84 -15.93 -8.60
N LEU A 649 -9.65 -16.35 -8.16
CA LEU A 649 -9.10 -17.68 -8.46
C LEU A 649 -9.18 -18.61 -7.26
N LYS A 650 -9.68 -19.83 -7.47
CA LYS A 650 -9.67 -20.84 -6.42
C LYS A 650 -8.61 -21.91 -6.70
N ALA A 651 -7.65 -22.04 -5.79
CA ALA A 651 -6.62 -23.06 -5.85
C ALA A 651 -7.17 -24.36 -5.30
N GLY A 652 -6.75 -25.47 -5.89
CA GLY A 652 -7.25 -26.79 -5.51
C GLY A 652 -6.14 -27.62 -4.90
N ALA A 653 -5.97 -28.83 -5.43
CA ALA A 653 -4.93 -29.73 -4.96
C ALA A 653 -3.56 -29.22 -5.36
N LEU A 654 -2.56 -29.47 -4.52
CA LEU A 654 -1.18 -29.19 -4.85
C LEU A 654 -0.77 -30.07 -6.01
N ALA A 655 0.21 -29.61 -6.79
CA ALA A 655 0.89 -30.46 -7.76
C ALA A 655 2.23 -30.80 -7.14
N ILE A 656 2.22 -31.77 -6.23
CA ILE A 656 3.41 -32.11 -5.43
C ILE A 656 4.61 -32.28 -6.34
N GLU A 657 4.39 -32.97 -7.46
CA GLU A 657 5.44 -33.21 -8.47
C GLU A 657 6.26 -31.95 -8.77
N LYS A 658 5.56 -30.81 -8.89
CA LYS A 658 6.17 -29.57 -9.34
C LYS A 658 6.62 -28.63 -8.22
N CYS A 659 6.34 -28.97 -6.96
CA CYS A 659 6.73 -28.12 -5.83
C CYS A 659 8.17 -28.39 -5.45
N LYS A 660 8.86 -27.36 -4.97
CA LYS A 660 10.27 -27.46 -4.59
C LYS A 660 10.70 -26.33 -3.66
N VAL A 661 11.88 -26.47 -3.07
CA VAL A 661 12.43 -25.46 -2.19
C VAL A 661 13.47 -24.64 -2.95
N MET A 662 13.28 -23.34 -3.06
CA MET A 662 14.10 -22.52 -3.96
C MET A 662 15.52 -22.28 -3.46
N ALA A 663 16.46 -22.18 -4.40
CA ALA A 663 17.87 -21.94 -4.07
C ALA A 663 18.03 -20.50 -3.62
N SER A 664 17.78 -20.28 -2.34
CA SER A 664 17.96 -18.97 -1.72
C SER A 664 18.32 -19.14 -0.25
N LYS A 665 18.71 -18.06 0.42
CA LYS A 665 19.09 -18.12 1.84
C LYS A 665 17.87 -18.02 2.76
N LYS A 666 16.73 -17.60 2.21
CA LYS A 666 15.45 -17.64 2.91
C LYS A 666 14.64 -18.90 2.58
N LYS A 667 15.12 -19.69 1.62
CA LYS A 667 14.53 -20.99 1.26
C LYS A 667 13.00 -20.91 1.11
N PRO A 668 12.51 -20.03 0.23
CA PRO A 668 11.08 -19.97 -0.03
C PRO A 668 10.58 -21.18 -0.80
N LEU A 669 9.31 -21.52 -0.64
CA LEU A 669 8.71 -22.62 -1.36
C LEU A 669 8.13 -22.17 -2.71
N TRP A 670 8.62 -22.78 -3.78
CA TRP A 670 7.97 -22.72 -5.08
C TRP A 670 6.86 -23.73 -5.08
N LEU A 671 5.61 -23.30 -5.10
CA LEU A 671 4.47 -24.22 -5.05
C LEU A 671 3.61 -24.07 -6.30
N GLU A 672 2.92 -25.13 -6.69
CA GLU A 672 2.00 -25.06 -7.82
C GLU A 672 0.73 -25.81 -7.46
N PHE A 673 -0.41 -25.21 -7.77
CA PHE A 673 -1.70 -25.77 -7.45
C PHE A 673 -2.50 -25.95 -8.75
N LYS A 674 -3.35 -26.96 -8.77
CA LYS A 674 -4.37 -27.05 -9.80
C LYS A 674 -5.49 -26.07 -9.43
N CYS A 675 -6.18 -25.57 -10.44
CA CYS A 675 -7.37 -24.76 -10.21
C CYS A 675 -8.52 -25.67 -9.81
N ALA A 676 -9.21 -25.31 -8.73
CA ALA A 676 -10.33 -26.10 -8.22
C ALA A 676 -11.60 -25.98 -9.08
N ASP A 677 -11.58 -25.14 -10.12
CA ASP A 677 -12.76 -24.86 -10.95
C ASP A 677 -12.72 -25.64 -12.28
N PRO A 678 -13.62 -26.63 -12.43
CA PRO A 678 -13.59 -27.48 -13.62
C PRO A 678 -13.97 -26.72 -14.87
N THR A 679 -14.76 -25.67 -14.74
CA THR A 679 -15.14 -24.86 -15.91
C THR A 679 -13.95 -24.12 -16.52
N ALA A 680 -12.82 -24.08 -15.82
CA ALA A 680 -11.57 -23.56 -16.40
C ALA A 680 -11.27 -24.29 -17.68
N LEU A 681 -10.97 -23.56 -18.76
CA LEU A 681 -10.54 -24.23 -19.99
C LEU A 681 -9.05 -24.02 -20.24
N SER A 682 -8.26 -24.32 -19.21
CA SER A 682 -6.83 -24.41 -19.35
C SER A 682 -6.26 -25.41 -18.36
N ASN A 683 -5.01 -25.77 -18.59
CA ASN A 683 -4.28 -26.77 -17.82
C ASN A 683 -3.28 -26.12 -16.86
N GLU A 684 -2.93 -24.86 -17.14
CA GLU A 684 -1.98 -24.09 -16.34
C GLU A 684 -2.27 -24.24 -14.86
N THR A 685 -1.24 -24.59 -14.11
CA THR A 685 -1.30 -24.59 -12.66
C THR A 685 -1.26 -23.16 -12.17
N ILE A 686 -1.54 -22.98 -10.88
CA ILE A 686 -1.42 -21.70 -10.22
C ILE A 686 -0.15 -21.73 -9.38
N GLY A 687 0.84 -20.93 -9.80
CA GLY A 687 2.14 -20.88 -9.13
C GLY A 687 2.21 -19.83 -8.02
N ILE A 688 2.53 -20.27 -6.81
CA ILE A 688 2.70 -19.37 -5.70
C ILE A 688 4.04 -19.65 -5.03
N ILE A 689 4.83 -18.60 -4.81
CA ILE A 689 6.04 -18.65 -4.00
C ILE A 689 5.61 -18.33 -2.60
N PHE A 690 5.92 -19.21 -1.66
CA PHE A 690 5.64 -18.94 -0.27
C PHE A 690 6.94 -18.69 0.47
N LYS A 691 7.11 -17.49 1.02
CA LYS A 691 8.37 -17.10 1.66
C LYS A 691 8.20 -16.73 3.13
N HIS A 692 9.12 -17.23 3.96
CA HIS A 692 9.27 -16.82 5.35
C HIS A 692 10.60 -16.17 5.51
N GLY A 693 10.66 -15.12 6.34
CA GLY A 693 11.94 -14.49 6.69
C GLY A 693 11.97 -12.98 6.52
N ASP A 694 11.28 -12.49 5.50
CA ASP A 694 11.22 -11.05 5.23
C ASP A 694 9.83 -10.49 5.47
N ASP A 695 9.78 -9.25 5.92
CA ASP A 695 8.55 -8.48 5.90
C ASP A 695 8.25 -8.10 4.43
N LEU A 696 7.12 -8.56 3.90
CA LEU A 696 6.75 -8.28 2.51
C LEU A 696 6.03 -6.95 2.28
N ARG A 697 5.82 -6.16 3.33
CA ARG A 697 5.01 -4.96 3.18
C ARG A 697 5.65 -3.99 2.22
N GLN A 698 6.97 -3.86 2.30
CA GLN A 698 7.69 -2.94 1.41
C GLN A 698 7.44 -3.32 -0.05
N ASP A 699 7.45 -4.61 -0.33
CA ASP A 699 7.20 -5.12 -1.66
C ASP A 699 5.81 -4.77 -2.17
N MET A 700 4.81 -5.04 -1.33
CA MET A 700 3.44 -4.65 -1.64
C MET A 700 3.37 -3.17 -2.01
N LEU A 701 4.02 -2.34 -1.22
CA LEU A 701 3.96 -0.91 -1.45
C LEU A 701 4.56 -0.54 -2.81
N ILE A 702 5.73 -1.09 -3.16
CA ILE A 702 6.33 -0.73 -4.46
C ILE A 702 5.46 -1.24 -5.61
N LEU A 703 4.99 -2.48 -5.49
CA LEU A 703 4.14 -3.06 -6.52
C LEU A 703 2.86 -2.23 -6.71
N GLN A 704 2.34 -1.68 -5.61
CA GLN A 704 1.12 -0.92 -5.67
C GLN A 704 1.41 0.42 -6.31
N ILE A 705 2.54 1.01 -5.96
CA ILE A 705 2.92 2.25 -6.61
C ILE A 705 3.06 2.00 -8.12
N LEU A 706 3.56 0.82 -8.49
CA LEU A 706 3.68 0.49 -9.91
C LEU A 706 2.32 0.47 -10.59
N ARG A 707 1.32 -0.10 -9.91
CA ARG A 707 -0.05 -0.10 -10.43
C ARG A 707 -0.60 1.31 -10.63
N ILE A 708 -0.33 2.19 -9.67
CA ILE A 708 -0.74 3.59 -9.76
C ILE A 708 -0.07 4.23 -10.96
N MET A 709 1.24 3.99 -11.12
CA MET A 709 1.98 4.51 -12.28
C MET A 709 1.38 4.05 -13.59
N GLU A 710 0.96 2.78 -13.66
CA GLU A 710 0.26 2.30 -14.88
C GLU A 710 -0.97 3.13 -15.18
N SER A 711 -1.90 3.20 -14.22
CA SER A 711 -3.15 3.96 -14.39
C SER A 711 -2.88 5.42 -14.76
N ILE A 712 -1.88 6.03 -14.15
CA ILE A 712 -1.46 7.38 -14.55
C ILE A 712 -1.20 7.40 -16.05
N TRP A 713 -0.42 6.42 -16.52
CA TRP A 713 -0.06 6.34 -17.93
C TRP A 713 -1.23 6.09 -18.81
N GLU A 714 -2.20 5.30 -18.34
CA GLU A 714 -3.45 5.05 -19.06
C GLU A 714 -4.20 6.36 -19.32
N THR A 715 -4.17 7.31 -18.37
CA THR A 715 -4.84 8.60 -18.56
C THR A 715 -4.34 9.29 -19.83
N GLU A 716 -3.07 9.07 -20.16
CA GLU A 716 -2.47 9.62 -21.37
C GLU A 716 -2.30 8.57 -22.48
N SER A 717 -3.12 7.52 -22.41
CA SER A 717 -3.20 6.48 -23.45
C SER A 717 -1.89 5.73 -23.71
N LEU A 718 -1.02 5.71 -22.70
CA LEU A 718 0.24 4.97 -22.75
C LEU A 718 0.10 3.67 -21.98
N ASP A 719 0.55 2.60 -22.61
CA ASP A 719 0.65 1.29 -21.99
C ASP A 719 2.14 0.98 -21.96
N LEU A 720 2.66 0.57 -20.81
CA LEU A 720 4.09 0.20 -20.72
C LEU A 720 4.30 -1.20 -20.18
N CYS A 721 3.25 -2.02 -20.27
CA CYS A 721 3.32 -3.47 -20.13
C CYS A 721 4.06 -3.98 -18.90
N LEU A 722 4.07 -3.20 -17.82
CA LEU A 722 4.69 -3.61 -16.57
C LEU A 722 3.98 -4.85 -16.11
N LEU A 723 4.70 -5.72 -15.38
CA LEU A 723 4.08 -6.82 -14.66
C LEU A 723 4.27 -6.63 -13.14
N PRO A 724 3.34 -5.92 -12.51
CA PRO A 724 3.28 -5.82 -11.06
C PRO A 724 2.56 -7.03 -10.51
N TYR A 725 3.31 -8.08 -10.25
CA TYR A 725 2.75 -9.39 -9.94
C TYR A 725 2.17 -9.37 -8.53
N GLY A 726 1.24 -10.28 -8.26
CA GLY A 726 0.65 -10.39 -6.95
C GLY A 726 1.69 -10.68 -5.89
N CYS A 727 1.49 -10.08 -4.73
CA CYS A 727 2.38 -10.21 -3.62
C CYS A 727 1.55 -9.80 -2.43
N ILE A 728 1.36 -10.71 -1.49
CA ILE A 728 0.56 -10.43 -0.32
C ILE A 728 1.26 -10.89 0.94
N SER A 729 1.57 -9.94 1.81
CA SER A 729 1.96 -10.24 3.18
C SER A 729 0.79 -10.91 3.90
N THR A 730 1.02 -12.05 4.54
CA THR A 730 -0.08 -12.83 5.16
C THR A 730 0.07 -13.06 6.67
N GLY A 731 1.15 -12.57 7.27
CA GLY A 731 1.44 -12.79 8.68
C GLY A 731 2.86 -12.37 8.98
N ASP A 732 3.38 -12.71 10.17
CA ASP A 732 4.67 -12.17 10.57
C ASP A 732 5.82 -12.74 9.76
N LYS A 733 6.35 -11.91 8.88
CA LYS A 733 7.48 -12.26 8.03
C LYS A 733 7.14 -13.45 7.11
N ILE A 734 5.87 -13.61 6.75
CA ILE A 734 5.47 -14.60 5.77
C ILE A 734 4.53 -13.99 4.73
N GLY A 735 4.54 -14.54 3.52
CA GLY A 735 3.64 -14.10 2.48
C GLY A 735 3.66 -14.93 1.20
N MET A 736 2.82 -14.54 0.25
CA MET A 736 2.73 -15.24 -1.04
C MET A 736 3.13 -14.27 -2.16
N ILE A 737 3.80 -14.79 -3.18
CA ILE A 737 4.08 -14.04 -4.40
C ILE A 737 3.56 -14.83 -5.59
N GLU A 738 2.91 -14.15 -6.54
CA GLU A 738 2.46 -14.81 -7.76
C GLU A 738 3.68 -15.21 -8.57
N ILE A 739 3.66 -16.40 -9.16
CA ILE A 739 4.69 -16.81 -10.10
C ILE A 739 4.21 -16.41 -11.49
N VAL A 740 4.97 -15.54 -12.15
CA VAL A 740 4.69 -15.19 -13.53
C VAL A 740 5.10 -16.38 -14.37
N LYS A 741 4.22 -16.79 -15.27
CA LYS A 741 4.46 -17.98 -16.08
C LYS A 741 5.47 -17.67 -17.19
N ASP A 742 6.14 -18.73 -17.68
CA ASP A 742 7.05 -18.67 -18.83
C ASP A 742 8.12 -17.58 -18.69
N ALA A 743 8.71 -17.48 -17.51
CA ALA A 743 9.61 -16.37 -17.18
C ALA A 743 10.96 -16.83 -16.72
N THR A 744 12.00 -16.13 -17.15
CA THR A 744 13.35 -16.46 -16.72
C THR A 744 14.13 -15.17 -16.44
N THR A 745 15.14 -15.25 -15.57
CA THR A 745 15.93 -14.08 -15.22
C THR A 745 16.93 -13.78 -16.32
N ILE A 746 17.41 -12.55 -16.34
CA ILE A 746 18.41 -12.11 -17.28
C ILE A 746 19.73 -12.81 -16.95
N ALA A 747 20.02 -12.94 -15.65
CA ALA A 747 21.21 -13.65 -15.20
C ALA A 747 21.31 -15.02 -15.83
N LYS A 748 20.22 -15.79 -15.74
CA LYS A 748 20.24 -17.16 -16.24
C LYS A 748 20.47 -17.23 -17.76
N ILE A 749 19.83 -16.35 -18.52
CA ILE A 749 20.00 -16.31 -19.97
C ILE A 749 21.48 -16.12 -20.33
N GLN A 750 22.18 -15.27 -19.58
CA GLN A 750 23.63 -15.18 -19.69
C GLN A 750 24.30 -16.48 -19.24
N GLN A 751 24.06 -16.89 -17.99
CA GLN A 751 24.69 -18.11 -17.43
C GLN A 751 24.57 -19.36 -18.31
N SER A 752 23.49 -19.47 -19.09
CA SER A 752 23.24 -20.68 -19.87
C SER A 752 24.13 -20.75 -21.11
N THR A 753 24.33 -19.61 -21.76
CA THR A 753 25.20 -19.54 -22.96
C THR A 753 26.66 -19.29 -22.58
N VAL A 754 26.91 -18.25 -21.78
CA VAL A 754 28.26 -17.85 -21.41
C VAL A 754 28.91 -18.73 -20.33
N GLY A 755 28.12 -19.17 -19.34
CA GLY A 755 28.62 -19.94 -18.20
C GLY A 755 28.69 -19.09 -16.94
N ASN A 756 29.23 -19.67 -15.85
CA ASN A 756 29.46 -18.91 -14.62
C ASN A 756 30.68 -17.99 -14.79
N THR A 757 30.44 -16.86 -15.45
CA THR A 757 31.48 -15.87 -15.68
C THR A 757 30.83 -14.52 -16.00
N GLY A 758 31.56 -13.44 -15.72
CA GLY A 758 31.09 -12.10 -16.03
C GLY A 758 31.39 -11.66 -17.45
N ALA A 759 31.85 -12.58 -18.31
CA ALA A 759 32.14 -12.27 -19.71
C ALA A 759 30.84 -12.07 -20.50
N PHE A 760 30.05 -11.09 -20.08
CA PHE A 760 28.65 -10.96 -20.53
C PHE A 760 28.61 -10.62 -22.00
N LYS A 761 27.63 -11.20 -22.70
CA LYS A 761 27.57 -11.10 -24.16
C LYS A 761 26.31 -10.36 -24.62
N ASP A 762 26.52 -9.41 -25.53
CA ASP A 762 25.44 -8.54 -26.02
C ASP A 762 24.32 -9.30 -26.72
N GLU A 763 24.68 -10.38 -27.40
CA GLU A 763 23.79 -11.08 -28.33
C GLU A 763 22.82 -12.06 -27.65
N VAL A 764 23.13 -12.48 -26.44
CA VAL A 764 22.44 -13.62 -25.83
C VAL A 764 20.92 -13.43 -25.67
N LEU A 765 20.50 -12.24 -25.23
CA LEU A 765 19.07 -12.00 -25.00
C LEU A 765 18.28 -12.08 -26.31
N ASN A 766 18.75 -11.37 -27.33
CA ASN A 766 18.05 -11.39 -28.63
C ASN A 766 17.96 -12.80 -29.21
N HIS A 767 19.02 -13.59 -29.00
CA HIS A 767 19.06 -14.97 -29.44
C HIS A 767 17.97 -15.73 -28.74
N TRP A 768 17.95 -15.61 -27.41
CA TRP A 768 16.95 -16.25 -26.53
C TRP A 768 15.56 -15.90 -26.95
N LEU A 769 15.33 -14.61 -27.18
CA LEU A 769 14.03 -14.13 -27.67
C LEU A 769 13.71 -14.68 -29.05
N LYS A 770 14.74 -14.75 -29.92
CA LYS A 770 14.58 -15.33 -31.25
C LYS A 770 14.26 -16.81 -31.15
N GLU A 771 14.93 -17.53 -30.25
CA GLU A 771 14.70 -18.97 -30.12
C GLU A 771 13.29 -19.24 -29.55
N LYS A 772 12.85 -18.43 -28.61
CA LYS A 772 11.55 -18.64 -27.98
C LYS A 772 10.39 -18.18 -28.85
N SER A 773 10.60 -17.15 -29.66
CA SER A 773 9.59 -16.74 -30.64
C SER A 773 9.52 -17.80 -31.72
N PRO A 774 8.34 -18.41 -31.93
CA PRO A 774 8.24 -19.42 -32.98
C PRO A 774 8.26 -18.79 -34.38
N THR A 775 7.64 -17.62 -34.52
CA THR A 775 7.49 -16.94 -35.81
C THR A 775 8.06 -15.51 -35.74
N GLU A 776 8.52 -14.99 -36.88
CA GLU A 776 9.10 -13.63 -36.97
C GLU A 776 8.10 -12.49 -36.69
N GLU A 777 6.81 -12.78 -36.86
CA GLU A 777 5.76 -11.83 -36.52
C GLU A 777 5.60 -11.79 -34.99
N LYS A 778 5.60 -12.98 -34.37
CA LYS A 778 5.59 -13.09 -32.90
C LYS A 778 6.89 -12.59 -32.28
N PHE A 779 7.98 -12.71 -33.02
CA PHE A 779 9.28 -12.23 -32.55
C PHE A 779 9.26 -10.72 -32.41
N GLN A 780 9.07 -10.01 -33.51
CA GLN A 780 9.06 -8.54 -33.47
C GLN A 780 8.04 -8.01 -32.45
N ALA A 781 6.91 -8.70 -32.31
CA ALA A 781 5.90 -8.36 -31.29
C ALA A 781 6.50 -8.51 -29.88
N ALA A 782 7.22 -9.61 -29.67
CA ALA A 782 7.99 -9.83 -28.45
C ALA A 782 9.08 -8.76 -28.27
N VAL A 783 9.76 -8.40 -29.36
CA VAL A 783 10.78 -7.36 -29.29
C VAL A 783 10.16 -6.01 -28.94
N GLU A 784 8.96 -5.76 -29.43
CA GLU A 784 8.30 -4.48 -29.16
C GLU A 784 7.84 -4.43 -27.69
N ARG A 785 7.17 -5.50 -27.27
CA ARG A 785 6.82 -5.71 -25.89
C ARG A 785 7.99 -5.42 -24.97
N PHE A 786 9.18 -5.80 -25.41
CA PHE A 786 10.40 -5.60 -24.65
C PHE A 786 10.80 -4.13 -24.62
N VAL A 787 10.68 -3.45 -25.75
CA VAL A 787 10.99 -2.02 -25.82
C VAL A 787 10.06 -1.21 -24.91
N TYR A 788 8.78 -1.58 -24.91
CA TYR A 788 7.79 -0.99 -24.04
C TYR A 788 8.05 -1.32 -22.55
N SER A 789 8.07 -2.61 -22.23
CA SER A 789 8.37 -3.08 -20.86
C SER A 789 9.60 -2.40 -20.27
N CYS A 790 10.68 -2.44 -21.04
CA CYS A 790 11.98 -1.92 -20.60
C CYS A 790 11.92 -0.44 -20.32
N ALA A 791 11.14 0.29 -21.10
CA ALA A 791 11.02 1.73 -20.93
C ALA A 791 10.27 2.08 -19.62
N GLY A 792 9.15 1.38 -19.40
CA GLY A 792 8.39 1.54 -18.17
C GLY A 792 9.16 1.20 -16.90
N TYR A 793 9.96 0.14 -16.94
CA TYR A 793 10.75 -0.20 -15.76
C TYR A 793 11.93 0.74 -15.53
N CYS A 794 12.47 1.28 -16.61
CA CYS A 794 13.50 2.28 -16.49
C CYS A 794 12.96 3.52 -15.79
N VAL A 795 11.81 4.02 -16.25
CA VAL A 795 11.23 5.25 -15.71
C VAL A 795 10.75 5.02 -14.29
N ALA A 796 9.95 3.98 -14.11
CA ALA A 796 9.39 3.62 -12.81
C ALA A 796 10.46 3.41 -11.74
N THR A 797 11.58 2.81 -12.11
CA THR A 797 12.59 2.52 -11.11
C THR A 797 13.46 3.75 -10.85
N PHE A 798 13.72 4.57 -11.86
CA PHE A 798 14.43 5.83 -11.63
C PHE A 798 13.72 6.68 -10.58
N VAL A 799 12.42 6.92 -10.81
CA VAL A 799 11.61 7.77 -9.94
C VAL A 799 11.68 7.27 -8.50
N LEU A 800 11.64 5.95 -8.32
CA LEU A 800 11.60 5.36 -7.00
C LEU A 800 12.99 5.13 -6.41
N GLY A 801 14.02 5.27 -7.23
CA GLY A 801 15.39 5.10 -6.76
C GLY A 801 15.72 3.63 -6.52
N ILE A 802 15.17 2.75 -7.33
CA ILE A 802 15.40 1.30 -7.22
C ILE A 802 15.80 0.70 -8.57
N GLY A 803 16.37 1.53 -9.44
CA GLY A 803 16.77 1.12 -10.80
C GLY A 803 18.10 0.39 -10.90
N ASP A 804 18.99 0.57 -9.90
CA ASP A 804 20.32 -0.04 -9.92
C ASP A 804 20.26 -1.45 -9.33
N ARG A 805 20.09 -2.42 -10.22
CA ARG A 805 19.83 -3.80 -9.81
C ARG A 805 20.72 -4.83 -10.52
N HIS A 806 21.08 -5.88 -9.79
CA HIS A 806 21.63 -7.09 -10.38
C HIS A 806 20.61 -7.67 -11.31
N ASN A 807 21.04 -8.16 -12.48
CA ASN A 807 20.11 -8.70 -13.47
C ASN A 807 19.58 -10.12 -13.18
N ASP A 808 19.93 -10.66 -12.02
CA ASP A 808 19.27 -11.85 -11.50
C ASP A 808 17.92 -11.48 -10.86
N ASN A 809 17.75 -10.19 -10.56
CA ASN A 809 16.49 -9.63 -10.07
C ASN A 809 15.72 -8.92 -11.19
N ILE A 810 16.04 -9.23 -12.43
CA ILE A 810 15.25 -8.77 -13.54
C ILE A 810 14.89 -9.97 -14.38
N MET A 811 13.62 -10.05 -14.76
CA MET A 811 13.14 -11.20 -15.51
C MET A 811 12.55 -10.76 -16.82
N ILE A 812 12.34 -11.75 -17.69
CA ILE A 812 11.67 -11.55 -18.97
C ILE A 812 10.80 -12.77 -19.27
N THR A 813 9.71 -12.54 -19.97
CA THR A 813 8.83 -13.63 -20.38
C THR A 813 9.18 -14.06 -21.79
N GLU A 814 8.76 -15.27 -22.14
CA GLU A 814 8.95 -15.81 -23.49
C GLU A 814 8.24 -14.98 -24.57
N THR A 815 7.30 -14.10 -24.18
CA THR A 815 6.68 -13.17 -25.12
C THR A 815 7.21 -11.75 -25.01
N GLY A 816 8.42 -11.59 -24.45
CA GLY A 816 9.15 -10.33 -24.51
C GLY A 816 8.99 -9.41 -23.32
N ASN A 817 8.24 -9.84 -22.30
CA ASN A 817 7.84 -8.93 -21.22
C ASN A 817 8.87 -8.83 -20.10
N LEU A 818 9.64 -7.73 -20.08
CA LEU A 818 10.60 -7.50 -19.00
C LEU A 818 9.89 -7.10 -17.72
N PHE A 819 10.40 -7.57 -16.58
CA PHE A 819 9.94 -7.06 -15.28
C PHE A 819 10.95 -7.30 -14.17
N HIS A 820 11.09 -6.33 -13.26
CA HIS A 820 11.90 -6.47 -12.04
C HIS A 820 11.19 -7.26 -10.97
N ILE A 821 11.95 -7.83 -10.03
CA ILE A 821 11.39 -8.62 -8.94
C ILE A 821 12.11 -8.34 -7.63
N ASP A 822 11.50 -8.76 -6.53
CA ASP A 822 12.11 -8.68 -5.21
C ASP A 822 12.59 -7.27 -4.84
N PHE A 823 11.64 -6.41 -4.50
CA PHE A 823 11.98 -5.05 -4.13
C PHE A 823 12.20 -4.89 -2.65
N GLY A 824 11.97 -5.95 -1.89
CA GLY A 824 12.13 -5.91 -0.45
C GLY A 824 13.51 -5.48 0.02
N HIS A 825 14.54 -5.86 -0.74
CA HIS A 825 15.92 -5.58 -0.35
C HIS A 825 16.15 -4.13 0.02
N ILE A 826 15.72 -3.23 -0.86
CA ILE A 826 16.13 -1.83 -0.80
C ILE A 826 14.95 -0.88 -0.84
N LYS A 838 31.71 3.18 -4.58
CA LYS A 838 31.09 2.46 -5.69
C LYS A 838 30.62 3.42 -6.77
N GLU A 839 30.68 2.96 -8.03
CA GLU A 839 30.03 3.66 -9.13
C GLU A 839 28.62 3.09 -9.33
N ARG A 840 27.70 3.96 -9.71
CA ARG A 840 26.28 3.62 -9.77
C ARG A 840 25.74 3.78 -11.19
N VAL A 841 24.45 3.52 -11.35
CA VAL A 841 23.76 3.73 -12.62
C VAL A 841 22.29 4.10 -12.30
N PRO A 842 21.67 4.98 -13.09
CA PRO A 842 20.31 5.41 -12.73
C PRO A 842 19.31 4.28 -12.79
N PHE A 843 19.42 3.45 -13.83
CA PHE A 843 18.62 2.24 -13.96
C PHE A 843 19.37 1.20 -14.81
N VAL A 844 18.76 0.05 -15.06
CA VAL A 844 19.42 -1.02 -15.79
C VAL A 844 19.09 -1.00 -17.29
N LEU A 845 20.02 -0.48 -18.08
CA LEU A 845 19.90 -0.47 -19.54
C LEU A 845 21.23 -0.99 -20.09
N THR A 846 21.33 -2.31 -20.16
CA THR A 846 22.57 -3.00 -20.49
C THR A 846 22.70 -3.31 -21.98
N PRO A 847 23.93 -3.62 -22.44
CA PRO A 847 24.15 -3.89 -23.86
C PRO A 847 23.25 -4.99 -24.43
N ASP A 848 22.97 -6.01 -23.61
CA ASP A 848 22.05 -7.05 -24.01
C ASP A 848 20.65 -6.50 -24.35
N PHE A 849 20.18 -5.54 -23.55
CA PHE A 849 18.91 -4.86 -23.84
C PHE A 849 19.05 -3.99 -25.08
N LEU A 850 20.16 -3.25 -25.15
CA LEU A 850 20.40 -2.37 -26.31
C LEU A 850 20.53 -3.17 -27.62
N PHE A 851 21.13 -4.36 -27.56
CA PHE A 851 21.26 -5.22 -28.75
C PHE A 851 19.90 -5.66 -29.28
N VAL A 852 18.99 -6.01 -28.39
CA VAL A 852 17.62 -6.37 -28.78
C VAL A 852 16.95 -5.24 -29.56
N MET A 853 17.33 -4.00 -29.23
CA MET A 853 16.81 -2.80 -29.89
C MET A 853 17.58 -2.41 -31.16
N GLY A 854 18.73 -3.06 -31.38
CA GLY A 854 19.52 -2.87 -32.60
C GLY A 854 20.57 -1.78 -32.47
N THR A 855 21.30 -1.78 -31.37
CA THR A 855 22.30 -0.76 -31.08
C THR A 855 23.47 -1.37 -30.35
N SER A 856 24.65 -0.76 -30.48
CA SER A 856 25.85 -1.28 -29.86
C SER A 856 26.95 -0.21 -29.81
N GLY A 857 27.42 0.10 -28.62
CA GLY A 857 28.47 1.10 -28.44
C GLY A 857 27.94 2.52 -28.46
N LYS A 858 27.87 3.11 -29.66
CA LYS A 858 27.49 4.51 -29.84
C LYS A 858 26.55 4.74 -31.04
N LYS A 859 25.62 3.82 -31.25
CA LYS A 859 24.71 3.86 -32.41
C LYS A 859 23.27 4.20 -32.01
N THR A 860 22.40 4.35 -33.01
CA THR A 860 20.95 4.45 -32.81
C THR A 860 20.23 3.58 -33.84
N SER A 861 18.91 3.45 -33.72
CA SER A 861 18.13 2.52 -34.55
C SER A 861 16.71 3.01 -34.74
N PRO A 862 15.87 2.22 -35.44
CA PRO A 862 14.43 2.49 -35.43
C PRO A 862 13.79 2.27 -34.06
N HIS A 863 14.16 1.17 -33.41
CA HIS A 863 13.60 0.81 -32.11
C HIS A 863 14.15 1.66 -30.98
N PHE A 864 15.46 1.91 -30.98
CA PHE A 864 16.07 2.66 -29.86
C PHE A 864 15.54 4.07 -29.71
N GLN A 865 15.38 4.77 -30.83
CA GLN A 865 14.78 6.11 -30.82
C GLN A 865 13.35 6.04 -30.28
N LYS A 866 12.64 4.96 -30.62
CA LYS A 866 11.28 4.71 -30.12
C LYS A 866 11.31 4.41 -28.62
N PHE A 867 12.35 3.69 -28.17
CA PHE A 867 12.56 3.47 -26.74
C PHE A 867 12.76 4.81 -26.03
N GLN A 868 13.66 5.63 -26.56
CA GLN A 868 13.89 6.98 -26.02
C GLN A 868 12.63 7.82 -26.07
N ASP A 869 11.85 7.61 -27.13
CA ASP A 869 10.58 8.31 -27.30
C ASP A 869 9.62 7.96 -26.18
N ILE A 870 9.46 6.67 -25.92
CA ILE A 870 8.53 6.17 -24.91
C ILE A 870 8.95 6.57 -23.51
N CYS A 871 10.25 6.49 -23.23
CA CYS A 871 10.77 6.87 -21.91
C CYS A 871 10.48 8.32 -21.58
N VAL A 872 10.72 9.20 -22.53
CA VAL A 872 10.50 10.63 -22.33
C VAL A 872 9.01 10.94 -22.11
N LYS A 873 8.14 10.34 -22.91
CA LYS A 873 6.69 10.54 -22.75
C LYS A 873 6.17 9.90 -21.46
N ALA A 874 6.77 8.78 -21.06
CA ALA A 874 6.42 8.09 -19.83
C ALA A 874 6.81 8.94 -18.63
N TYR A 875 7.99 9.54 -18.70
CA TYR A 875 8.56 10.31 -17.61
C TYR A 875 7.77 11.58 -17.41
N LEU A 876 7.63 12.35 -18.48
CA LEU A 876 6.80 13.56 -18.47
C LEU A 876 5.38 13.28 -17.97
N ALA A 877 4.78 12.18 -18.41
CA ALA A 877 3.45 11.81 -17.93
C ALA A 877 3.40 11.66 -16.40
N LEU A 878 4.43 11.02 -15.81
CA LEU A 878 4.52 10.93 -14.34
C LEU A 878 4.68 12.31 -13.74
N ARG A 879 5.49 13.16 -14.37
CA ARG A 879 5.69 14.53 -13.87
C ARG A 879 4.39 15.34 -13.82
N HIS A 880 3.43 15.01 -14.67
CA HIS A 880 2.11 15.64 -14.58
C HIS A 880 1.36 15.23 -13.34
N HIS A 881 1.91 14.31 -12.56
CA HIS A 881 1.38 13.95 -11.26
C HIS A 881 2.43 14.01 -10.17
N THR A 882 3.35 14.96 -10.29
CA THR A 882 4.44 15.12 -9.32
C THR A 882 3.91 15.05 -7.87
N ASN A 883 2.99 15.94 -7.54
CA ASN A 883 2.46 15.99 -6.19
C ASN A 883 1.95 14.65 -5.66
N LEU A 884 1.16 13.93 -6.47
CA LEU A 884 0.62 12.62 -6.08
C LEU A 884 1.76 11.64 -5.75
N LEU A 885 2.75 11.57 -6.63
CA LEU A 885 3.86 10.62 -6.46
C LEU A 885 4.77 10.99 -5.28
N ILE A 886 5.00 12.27 -5.07
CA ILE A 886 5.76 12.72 -3.90
C ILE A 886 5.08 12.25 -2.61
N ILE A 887 3.75 12.39 -2.56
CA ILE A 887 2.99 12.00 -1.37
C ILE A 887 3.00 10.50 -1.09
N LEU A 888 2.70 9.71 -2.11
CA LEU A 888 2.77 8.26 -1.97
C LEU A 888 4.16 7.81 -1.57
N PHE A 889 5.19 8.46 -2.07
CA PHE A 889 6.58 8.11 -1.74
C PHE A 889 6.91 8.48 -0.29
N SER A 890 6.51 9.67 0.15
CA SER A 890 6.71 10.07 1.54
C SER A 890 6.01 9.11 2.47
N MET A 891 4.74 8.85 2.19
CA MET A 891 3.94 7.97 3.02
C MET A 891 4.54 6.56 3.04
N MET A 892 4.97 6.09 1.88
CA MET A 892 5.58 4.79 1.76
C MET A 892 6.73 4.70 2.73
N LEU A 893 7.59 5.71 2.72
CA LEU A 893 8.76 5.71 3.57
C LEU A 893 8.35 5.77 5.01
N MET A 894 7.44 6.68 5.34
CA MET A 894 7.01 6.89 6.71
C MET A 894 6.27 5.72 7.38
N THR A 895 5.59 4.90 6.59
CA THR A 895 4.72 3.88 7.15
C THR A 895 5.18 2.45 6.89
N GLY A 896 6.10 2.27 5.95
CA GLY A 896 6.51 0.93 5.52
C GLY A 896 8.00 0.61 5.53
N MET A 897 8.84 1.63 5.70
CA MET A 897 10.29 1.46 5.64
C MET A 897 11.01 2.18 6.78
N PRO A 898 10.97 1.60 8.00
CA PRO A 898 11.61 2.14 9.22
C PRO A 898 13.10 2.53 9.09
N GLN A 899 13.83 1.86 8.22
CA GLN A 899 15.27 2.07 8.07
C GLN A 899 15.65 3.16 7.05
N LEU A 900 14.66 3.82 6.43
CA LEU A 900 14.91 4.85 5.41
C LEU A 900 13.93 6.02 5.52
N THR A 901 13.94 6.72 6.67
CA THR A 901 13.00 7.84 6.91
C THR A 901 13.67 9.11 7.44
N SER A 902 14.56 9.69 6.64
CA SER A 902 15.09 11.03 6.89
C SER A 902 14.54 11.96 5.82
N LYS A 903 14.67 13.27 6.03
CA LYS A 903 14.26 14.26 5.02
C LYS A 903 14.97 14.01 3.67
N GLU A 904 16.27 13.70 3.75
CA GLU A 904 17.11 13.53 2.56
C GLU A 904 16.74 12.27 1.78
N ASP A 905 16.21 11.27 2.46
CA ASP A 905 15.72 10.07 1.80
C ASP A 905 14.49 10.41 0.96
N ILE A 906 13.62 11.27 1.52
CA ILE A 906 12.39 11.67 0.85
C ILE A 906 12.67 12.63 -0.29
N GLU A 907 13.65 13.49 -0.13
CA GLU A 907 13.97 14.49 -1.14
C GLU A 907 14.68 13.94 -2.37
N TYR A 908 14.87 12.62 -2.44
CA TYR A 908 15.38 11.98 -3.66
C TYR A 908 14.39 12.16 -4.82
N ILE A 909 13.10 11.98 -4.50
CA ILE A 909 12.06 11.95 -5.51
C ILE A 909 11.81 13.33 -6.10
N ARG A 910 12.05 14.37 -5.30
CA ARG A 910 12.01 15.76 -5.80
C ARG A 910 12.99 15.89 -6.96
N ASP A 911 14.21 15.40 -6.73
CA ASP A 911 15.26 15.46 -7.74
C ASP A 911 14.90 14.58 -8.92
N ALA A 912 14.65 13.31 -8.64
CA ALA A 912 14.27 12.35 -9.68
C ALA A 912 13.17 12.89 -10.61
N LEU A 913 12.18 13.57 -10.05
CA LEU A 913 11.10 14.16 -10.84
C LEU A 913 11.40 15.58 -11.35
N THR A 914 12.65 16.04 -11.19
CA THR A 914 13.05 17.38 -11.65
C THR A 914 11.99 18.45 -11.34
N VAL A 915 11.70 18.62 -10.07
CA VAL A 915 10.74 19.61 -9.61
C VAL A 915 11.19 20.98 -10.08
N GLY A 916 10.22 21.83 -10.39
CA GLY A 916 10.48 23.23 -10.70
C GLY A 916 11.06 23.53 -12.07
N LYS A 917 11.49 22.49 -12.80
CA LYS A 917 12.04 22.65 -14.12
C LYS A 917 10.91 22.57 -15.15
N ASN A 918 11.15 23.15 -16.32
CA ASN A 918 10.24 23.00 -17.47
C ASN A 918 10.45 21.65 -18.16
N GLU A 919 9.47 21.25 -18.97
CA GLU A 919 9.47 19.92 -19.58
C GLU A 919 10.70 19.67 -20.43
N GLU A 920 10.91 20.54 -21.39
CA GLU A 920 11.96 20.36 -22.39
C GLU A 920 13.34 20.10 -21.75
N ASP A 921 13.59 20.72 -20.60
CA ASP A 921 14.83 20.49 -19.85
C ASP A 921 14.84 19.10 -19.19
N ALA A 922 13.70 18.71 -18.62
CA ALA A 922 13.55 17.41 -17.97
C ALA A 922 13.76 16.22 -18.93
N LYS A 923 13.46 16.42 -20.22
CA LYS A 923 13.78 15.42 -21.25
C LYS A 923 15.30 15.25 -21.31
N LYS A 924 15.98 16.40 -21.41
CA LYS A 924 17.44 16.45 -21.41
C LYS A 924 18.03 15.76 -20.17
N TYR A 925 17.36 15.89 -19.04
CA TYR A 925 17.80 15.22 -17.82
C TYR A 925 17.66 13.71 -17.94
N PHE A 926 16.53 13.24 -18.45
CA PHE A 926 16.31 11.81 -18.55
C PHE A 926 17.25 11.19 -19.57
N LEU A 927 17.35 11.80 -20.74
CA LEU A 927 18.20 11.26 -21.81
C LEU A 927 19.66 11.15 -21.39
N ASP A 928 20.14 12.07 -20.54
CA ASP A 928 21.47 11.93 -19.92
C ASP A 928 21.57 10.62 -19.13
N GLN A 929 20.52 10.32 -18.36
CA GLN A 929 20.50 9.08 -17.57
C GLN A 929 20.62 7.89 -18.50
N ILE A 930 19.87 7.92 -19.61
CA ILE A 930 19.96 6.85 -20.62
C ILE A 930 21.40 6.72 -21.08
N GLU A 931 22.05 7.86 -21.29
CA GLU A 931 23.44 7.91 -21.74
C GLU A 931 24.43 7.53 -20.63
N VAL A 932 24.12 7.82 -19.37
CA VAL A 932 24.99 7.40 -18.27
C VAL A 932 25.01 5.87 -18.15
N CYS A 933 23.96 5.21 -18.67
CA CYS A 933 23.97 3.74 -18.80
C CYS A 933 24.87 3.33 -19.95
N ARG A 934 24.63 3.87 -21.13
CA ARG A 934 25.43 3.56 -22.33
C ARG A 934 26.90 3.53 -21.96
N ASP A 935 27.37 4.64 -21.38
CA ASP A 935 28.75 4.79 -20.91
C ASP A 935 29.29 3.60 -20.12
N LYS A 936 28.46 3.04 -19.23
CA LYS A 936 28.90 2.04 -18.25
C LYS A 936 28.74 0.59 -18.71
N GLY A 937 28.00 0.37 -19.80
CA GLY A 937 27.76 -0.97 -20.33
C GLY A 937 27.54 -2.07 -19.29
N TRP A 938 28.61 -2.76 -18.92
CA TRP A 938 28.56 -3.93 -18.05
C TRP A 938 29.24 -3.70 -16.73
N THR A 939 29.83 -2.53 -16.52
CA THR A 939 30.71 -2.33 -15.36
C THR A 939 29.99 -2.56 -14.03
N VAL A 940 28.76 -2.05 -13.92
CA VAL A 940 27.96 -2.25 -12.70
C VAL A 940 27.40 -3.67 -12.63
N GLN A 941 26.82 -4.16 -13.73
CA GLN A 941 26.37 -5.57 -13.73
C GLN A 941 27.54 -6.46 -13.33
N PHE A 942 28.70 -6.22 -13.93
CA PHE A 942 29.93 -6.95 -13.61
C PHE A 942 30.32 -6.78 -12.14
N ASN A 943 30.30 -5.54 -11.64
CA ASN A 943 30.52 -5.31 -10.21
C ASN A 943 29.48 -5.98 -9.33
N TRP A 944 28.26 -6.17 -9.84
CA TRP A 944 27.25 -6.96 -9.13
C TRP A 944 27.61 -8.43 -9.08
N PHE A 945 28.21 -8.95 -10.15
CA PHE A 945 28.69 -10.34 -10.20
C PHE A 945 29.80 -10.56 -9.17
N LEU A 946 30.72 -9.61 -9.10
CA LEU A 946 31.83 -9.71 -8.13
C LEU A 946 31.31 -9.66 -6.70
N HIS A 947 30.24 -8.90 -6.48
CA HIS A 947 29.74 -8.64 -5.14
C HIS A 947 28.90 -9.77 -4.63
N LEU A 948 27.81 -10.07 -5.34
CA LEU A 948 26.80 -11.03 -4.86
C LEU A 948 27.23 -12.48 -5.03
N VAL A 949 27.86 -12.80 -6.16
CA VAL A 949 28.35 -14.16 -6.42
C VAL A 949 29.63 -14.49 -5.62
N LEU A 950 30.33 -13.45 -5.14
CA LEU A 950 31.52 -13.62 -4.30
C LEU A 950 31.53 -12.63 -3.13
S SO4 B . -14.65 5.52 -24.48
O1 SO4 B . -14.73 4.44 -23.47
O2 SO4 B . -15.70 5.26 -25.50
O3 SO4 B . -14.89 6.84 -23.86
O4 SO4 B . -13.31 5.54 -25.12
S SO4 C . -5.86 37.46 11.85
O1 SO4 C . -5.47 38.71 12.54
O2 SO4 C . -5.85 36.34 12.83
O3 SO4 C . -7.22 37.57 11.28
O4 SO4 C . -4.86 37.24 10.76
S SO4 D . -4.76 -4.27 -5.09
O1 SO4 D . -4.63 -3.38 -3.90
O2 SO4 D . -4.54 -5.68 -4.67
O3 SO4 D . -6.09 -4.14 -5.70
O4 SO4 D . -3.71 -3.90 -6.08
S SO4 E . 20.32 -6.02 -5.90
O1 SO4 E . 20.85 -4.69 -5.52
O2 SO4 E . 21.42 -7.02 -5.86
O3 SO4 E . 19.27 -6.44 -4.96
O4 SO4 E . 19.79 -5.97 -7.29
C15 14K F . 9.91 -10.46 -2.01
O14 14K F . 10.47 -11.78 -2.10
C11 14K F . 10.45 -12.33 -3.37
C12 14K F . 10.87 -13.64 -3.55
C13 14K F . 10.85 -14.21 -4.82
F16 14K F . 11.27 -14.38 -2.50
N10 14K F . 10.05 -11.62 -4.44
C9 14K F . 10.02 -12.14 -5.65
C8 14K F . 10.43 -13.45 -5.89
N7 14K F . 10.38 -13.94 -7.14
C2 14K F . 11.40 -14.57 -7.76
N1 14K F . 12.59 -14.66 -7.13
C6 14K F . 13.64 -15.26 -7.66
C5 14K F . 13.53 -15.83 -8.93
C25 14K F . 14.74 -16.53 -9.58
C36 14K F . 16.05 -15.77 -9.25
N26 14K F . 14.73 -17.91 -9.09
C31 14K F . 16.01 -18.41 -8.57
C30 14K F . 15.77 -19.79 -7.98
C27 14K F . 14.30 -18.81 -10.17
C28 14K F . 14.02 -20.19 -9.56
N29 14K F . 15.26 -20.71 -9.01
S32 14K F . 15.06 -22.20 -8.34
C33 14K F . 16.32 -23.27 -8.99
O35 14K F . 13.71 -22.80 -8.62
O34 14K F . 15.22 -22.05 -6.86
C4 14K F . 12.33 -15.76 -9.62
C3 14K F . 11.24 -15.13 -9.03
C17 14K F . 10.04 -15.05 -9.74
N22 14K F . 9.79 -15.83 -10.81
N18 14K F . 9.14 -14.11 -9.40
C19 14K F . 7.98 -13.99 -10.06
C23 14K F . 6.98 -12.94 -9.63
N20 14K F . 7.72 -14.78 -11.10
C21 14K F . 8.63 -15.71 -11.48
N24 14K F . 8.37 -16.49 -12.51
#